data_5CO8
#
_entry.id   5CO8
#
_cell.length_a   98.072
_cell.length_b   98.072
_cell.length_c   119.571
_cell.angle_alpha   90.000
_cell.angle_beta   90.000
_cell.angle_gamma   120.000
#
_symmetry.space_group_name_H-M   'P 31 2 1'
#
loop_
_entity.id
_entity.type
_entity.pdbx_description
1 polymer 'DNA (31-MER)'
2 polymer 'Nuclease-like protein'
3 polymer "DNA (5'-D(*AP*GP*AP*CP*TP*GP*CP*AP*GP*TP*TP*GP*AP*GP*TP*C)-3')"
4 polymer 'Nuclease-like protein'
5 polymer "DNA (5'-D(*TP*GP*AP*GP*CP*GP*GP*TP*GP*GP*TP*TP*GP*GP*A)-3')"
6 non-polymer 'MAGNESIUM ION'
7 water water
#
loop_
_entity_poly.entity_id
_entity_poly.type
_entity_poly.pdbx_seq_one_letter_code
_entity_poly.pdbx_strand_id
1 'polydeoxyribonucleotide'
;(DT)(DT)(DC)(DC)(DA)(DA)(DC)(DC)(DA)(DC)(DC)(DG)(DC)(DT)(DC)(DA)(DA)(DC)(DT)(DC)
(DA)(DA)(DC)(DT)(DG)(DC)(DA)(DG)(DT)(DC)(DT)
;
R
2 'polypeptide(L)'
;GIKGIYKEIGSGERISLCKLAIDHLEQHNRPLRLAID(MSE)AIWQFQIQAARGGSNPAIRTLFYRFVRLLSLGIHPIFV
FDGPNKPIFKRNRRSGTGNGVSTA(MSE)AKRLIRLFGFTAHDAPGEAEAECAYLEQQGIVDAVLSEDVDTI(MSE)FGS
RVTLRDWSSEGSKGGPPTHVTLHDAKKIAEGPSGLDREG(MSE)VLVAL(MSE)SGGDYLPDGIPGCGIKVACQAAKAGF
GKELCRIKRADKEAITEWKQRLLHELRTNESGFFRTKHKALEIPENFPN(MSE)EVLRYYTHPVVSSPATIERLRQEFPP
SSTVDIAGLREFTRETFDWTFRPGAIKLIKVLAPGLLVQRCLDRYVSGPRIDDPDLKKKEESTLVKGIS(MSE)RREHFS
TDATPELRVSFIPAELVGLDPGQEPEVQVEAFGRSGLALNSDDEFDEDISSSQKAPKKPFDPWQPDLAWVPETILKLGVP
VTVEDWEEGQRS
;
C
3 'polydeoxyribonucleotide' (DA)(DG)(DA)(DC)(DT)(DG)(DC)(DA)(DG)(DT)(DT)(DG)(DA)(DG)(DT)(DC) X
4 'polypeptide(L)'
;GIKGIYKEIGSGERISLCKLAIDHLEQHNRPLRLAIDMAIWQFQIQAARGGSNPAIRTLFYRFVRLLSLGIHPIFVFDGP
NKPIFKRNRRSGTGNGVSTA(MSE)AKRLIRLFGFTAHDAPGEAEAECAYLEQQGIVDAVLSEDVDTI(MSE)FGSRVTL
RDWSSEGSKGGPPTHVTLHDAKKIAEGPSGLDREG(MSE)VLVALMSGGDYLPDGIPGCGIKVACQAAKAGFGKELCRIK
RADKEAITEWKQRLLHELRTNESGFFRTKHKALEIPENFPN(MSE)EVLRYYTHPVVSSPATIERLRQEFPPSSTVDIAG
LREFTRETFDWTFRPGAIKLIKVLAPGLLVQRCLDRYVSGPRIDDPDLKKKEESTLVKGIS(MSE)RREHFSTDATPELR
VSFIPAELVGLDPGQEPEVQVEAFGRSGLALNSDDEFDEDISSSQKAPKKPFDPWQPDLAWVPETILKLGVPVTVEDWEE
GQRS
;
A
5 'polydeoxyribonucleotide' (DT)(DG)(DA)(DG)(DC)(DG)(DG)(DT)(DG)(DG)(DT)(DT)(DG)(DG)(DA) H
#
loop_
_chem_comp.id
_chem_comp.type
_chem_comp.name
_chem_comp.formula
DA DNA linking 2'-DEOXYADENOSINE-5'-MONOPHOSPHATE 'C10 H14 N5 O6 P'
DC DNA linking 2'-DEOXYCYTIDINE-5'-MONOPHOSPHATE 'C9 H14 N3 O7 P'
DG DNA linking 2'-DEOXYGUANOSINE-5'-MONOPHOSPHATE 'C10 H14 N5 O7 P'
DT DNA linking THYMIDINE-5'-MONOPHOSPHATE 'C10 H15 N2 O8 P'
MG non-polymer 'MAGNESIUM ION' 'Mg 2'
#
# COMPACT_ATOMS: atom_id res chain seq x y z
N GLY B 1 -5.62 -12.98 8.54
CA GLY B 1 -6.43 -13.69 9.53
C GLY B 1 -5.90 -13.53 10.94
N ILE B 2 -6.31 -12.45 11.61
CA ILE B 2 -7.18 -11.46 11.01
C ILE B 2 -6.40 -10.16 10.82
N LYS B 3 -6.17 -9.79 9.55
CA LYS B 3 -5.32 -8.65 9.26
C LYS B 3 -5.93 -7.33 9.71
N GLY B 4 -5.20 -6.62 10.56
CA GLY B 4 -5.65 -5.33 11.05
C GLY B 4 -6.48 -5.42 12.33
N ILE B 5 -6.52 -6.60 12.92
CA ILE B 5 -7.37 -6.85 14.09
C ILE B 5 -6.85 -6.12 15.33
N TYR B 6 -5.54 -5.93 15.42
CA TYR B 6 -4.94 -5.32 16.60
C TYR B 6 -5.14 -3.81 16.59
N LYS B 7 -5.50 -3.27 15.43
CA LYS B 7 -5.89 -1.87 15.32
C LYS B 7 -7.23 -1.64 15.99
N GLU B 8 -8.01 -2.70 16.11
CA GLU B 8 -9.38 -2.61 16.62
C GLU B 8 -9.49 -3.04 18.08
N ILE B 9 -8.84 -4.15 18.42
CA ILE B 9 -8.95 -4.70 19.77
C ILE B 9 -7.78 -4.27 20.65
N GLY B 10 -6.72 -3.76 20.03
CA GLY B 10 -5.53 -3.38 20.76
C GLY B 10 -4.42 -4.39 20.54
N SER B 11 -3.19 -3.99 20.83
CA SER B 11 -2.03 -4.86 20.63
C SER B 11 -1.92 -5.89 21.76
N GLY B 12 -2.50 -5.56 22.91
CA GLY B 12 -2.48 -6.45 24.05
C GLY B 12 -1.55 -5.99 25.15
N GLU B 13 -1.64 -6.63 26.31
CA GLU B 13 -0.81 -6.29 27.45
C GLU B 13 0.47 -7.13 27.48
N ARG B 14 1.62 -6.46 27.40
CA ARG B 14 2.90 -7.12 27.54
C ARG B 14 3.12 -7.44 29.01
N ILE B 15 3.39 -8.71 29.32
CA ILE B 15 3.48 -9.13 30.71
C ILE B 15 4.49 -10.27 30.91
N SER B 16 5.23 -10.21 32.01
CA SER B 16 6.19 -11.25 32.35
C SER B 16 5.49 -12.59 32.57
N LEU B 17 5.95 -13.61 31.86
CA LEU B 17 5.38 -14.95 32.00
C LEU B 17 5.58 -15.47 33.43
N CYS B 18 6.66 -15.02 34.06
CA CYS B 18 6.93 -15.36 35.45
C CYS B 18 5.84 -14.79 36.36
N LYS B 19 5.42 -13.56 36.09
CA LYS B 19 4.40 -12.91 36.89
C LYS B 19 3.07 -13.66 36.80
N LEU B 20 2.67 -14.03 35.59
CA LEU B 20 1.45 -14.81 35.38
C LEU B 20 1.49 -16.10 36.17
N ALA B 21 2.60 -16.82 36.08
CA ALA B 21 2.76 -18.10 36.76
C ALA B 21 2.67 -17.94 38.28
N ILE B 22 3.35 -16.93 38.81
CA ILE B 22 3.39 -16.73 40.26
C ILE B 22 2.09 -16.12 40.79
N ASP B 23 1.51 -15.18 40.04
CA ASP B 23 0.23 -14.59 40.42
C ASP B 23 -0.86 -15.66 40.49
N HIS B 24 -0.89 -16.55 39.51
CA HIS B 24 -1.88 -17.62 39.46
C HIS B 24 -1.63 -18.64 40.57
N LEU B 25 -0.36 -18.90 40.86
CA LEU B 25 0.01 -19.85 41.91
C LEU B 25 -0.40 -19.32 43.28
N GLU B 26 -0.39 -18.00 43.41
CA GLU B 26 -0.75 -17.35 44.67
C GLU B 26 -2.26 -17.26 44.85
N GLN B 27 -2.98 -16.97 43.76
CA GLN B 27 -4.43 -16.82 43.83
C GLN B 27 -5.16 -18.16 43.87
N HIS B 28 -4.66 -19.13 43.11
CA HIS B 28 -5.37 -20.40 42.94
C HIS B 28 -4.72 -21.58 43.65
N ASN B 29 -3.58 -21.35 44.31
CA ASN B 29 -2.88 -22.37 45.08
C ASN B 29 -2.53 -23.63 44.28
N ARG B 30 -2.19 -23.45 43.00
CA ARG B 30 -1.69 -24.52 42.15
C ARG B 30 -1.09 -23.92 40.89
N PRO B 31 -0.09 -24.59 40.29
CA PRO B 31 0.61 -24.03 39.13
C PRO B 31 -0.30 -23.73 37.95
N LEU B 32 0.03 -22.69 37.20
CA LEU B 32 -0.70 -22.31 35.99
C LEU B 32 -0.69 -23.45 34.98
N ARG B 33 -1.85 -23.71 34.37
CA ARG B 33 -1.95 -24.73 33.34
C ARG B 33 -2.14 -24.08 31.98
N LEU B 34 -1.28 -24.44 31.03
CA LEU B 34 -1.22 -23.72 29.76
C LEU B 34 -1.34 -24.66 28.56
N ALA B 35 -2.25 -24.32 27.65
CA ALA B 35 -2.37 -25.03 26.39
C ALA B 35 -1.51 -24.32 25.34
N ILE B 36 -0.53 -25.02 24.80
CA ILE B 36 0.38 -24.44 23.84
C ILE B 36 0.19 -25.02 22.45
N ASP B 37 -0.30 -24.19 21.53
CA ASP B 37 -0.41 -24.57 20.14
C ASP B 37 0.98 -24.85 19.60
N MSE B 38 1.19 -26.06 19.11
CA MSE B 38 2.51 -26.48 18.63
C MSE B 38 2.95 -25.72 17.39
O MSE B 38 4.10 -25.85 16.95
CB MSE B 38 2.50 -27.99 18.33
CG MSE B 38 3.08 -28.83 19.46
SE MSE B 38 4.93 -28.32 19.80
CE MSE B 38 5.37 -29.51 21.26
N ALA B 39 2.05 -24.93 16.82
CA ALA B 39 2.33 -24.21 15.57
C ALA B 39 3.13 -22.93 15.79
N ILE B 40 3.21 -22.48 17.04
CA ILE B 40 3.93 -21.23 17.35
C ILE B 40 5.44 -21.38 17.15
N TRP B 41 5.91 -22.61 17.06
CA TRP B 41 7.34 -22.88 17.04
C TRP B 41 7.99 -22.70 15.67
N GLN B 42 7.24 -23.07 14.63
CA GLN B 42 7.75 -23.23 13.26
C GLN B 42 8.75 -22.18 12.79
N PHE B 43 8.52 -20.92 13.18
CA PHE B 43 9.36 -19.82 12.72
C PHE B 43 10.29 -19.27 13.79
N GLN B 44 9.94 -19.45 15.07
CA GLN B 44 10.86 -19.09 16.14
C GLN B 44 11.99 -20.11 16.14
N ILE B 45 11.59 -21.38 16.11
CA ILE B 45 12.50 -22.50 16.13
C ILE B 45 13.45 -22.49 14.93
N GLN B 46 12.89 -22.52 13.74
CA GLN B 46 13.69 -22.42 12.51
C GLN B 46 13.74 -20.97 12.04
N ALA B 47 14.95 -20.43 11.94
CA ALA B 47 16.17 -21.20 12.19
C ALA B 47 17.05 -20.57 13.26
N ALA B 48 17.93 -21.38 13.84
CA ALA B 48 18.78 -20.92 14.94
C ALA B 48 20.07 -21.73 15.03
N ARG B 49 21.00 -21.47 14.11
CA ARG B 49 22.29 -22.15 14.02
C ARG B 49 23.00 -22.28 15.37
N GLY B 50 23.87 -23.27 15.55
CA GLY B 50 24.19 -24.29 14.57
C GLY B 50 24.26 -25.66 15.25
N GLY B 51 25.45 -26.25 15.28
CA GLY B 51 25.65 -27.53 15.92
C GLY B 51 24.78 -28.63 15.34
N SER B 52 24.30 -29.52 16.19
CA SER B 52 23.45 -30.62 15.74
C SER B 52 22.00 -30.43 16.16
N ASN B 53 21.09 -30.46 15.19
CA ASN B 53 19.66 -30.26 15.41
C ASN B 53 19.36 -29.03 16.26
N PRO B 54 19.71 -27.84 15.75
CA PRO B 54 19.53 -26.60 16.53
C PRO B 54 18.07 -26.25 16.71
N ALA B 55 17.25 -26.70 15.77
CA ALA B 55 15.82 -26.43 15.81
C ALA B 55 15.18 -27.04 17.05
N ILE B 56 15.34 -28.35 17.22
CA ILE B 56 14.79 -29.04 18.38
C ILE B 56 15.60 -28.71 19.63
N ARG B 57 16.79 -28.16 19.44
CA ARG B 57 17.63 -27.73 20.55
C ARG B 57 17.01 -26.49 21.21
N THR B 58 16.46 -25.61 20.38
CA THR B 58 15.79 -24.41 20.87
C THR B 58 14.53 -24.80 21.62
N LEU B 59 13.87 -25.85 21.14
CA LEU B 59 12.69 -26.39 21.80
C LEU B 59 13.03 -26.92 23.19
N PHE B 60 14.22 -27.52 23.30
CA PHE B 60 14.73 -28.04 24.55
C PHE B 60 14.90 -26.94 25.60
N TYR B 61 15.48 -25.82 25.19
CA TYR B 61 15.73 -24.71 26.11
C TYR B 61 14.43 -24.02 26.53
N ARG B 62 13.46 -23.97 25.62
CA ARG B 62 12.14 -23.44 25.95
C ARG B 62 11.47 -24.31 27.02
N PHE B 63 11.72 -25.60 26.94
CA PHE B 63 11.15 -26.55 27.91
C PHE B 63 11.79 -26.36 29.29
N VAL B 64 13.09 -26.10 29.30
CA VAL B 64 13.81 -25.85 30.54
C VAL B 64 13.30 -24.56 31.18
N ARG B 65 13.01 -23.58 30.35
CA ARG B 65 12.45 -22.32 30.83
C ARG B 65 11.07 -22.54 31.44
N LEU B 66 10.30 -23.44 30.84
CA LEU B 66 8.99 -23.80 31.37
C LEU B 66 9.11 -24.45 32.75
N LEU B 67 10.17 -25.23 32.94
CA LEU B 67 10.43 -25.87 34.22
C LEU B 67 10.70 -24.82 35.30
N SER B 68 11.54 -23.84 34.98
CA SER B 68 11.92 -22.80 35.93
C SER B 68 10.73 -21.90 36.26
N LEU B 69 9.77 -21.82 35.35
CA LEU B 69 8.59 -20.99 35.56
C LEU B 69 7.54 -21.72 36.40
N GLY B 70 7.67 -23.04 36.51
CA GLY B 70 6.73 -23.84 37.28
C GLY B 70 5.36 -23.87 36.63
N ILE B 71 5.35 -24.03 35.30
CA ILE B 71 4.10 -24.10 34.55
C ILE B 71 3.81 -25.53 34.12
N HIS B 72 2.56 -25.94 34.20
CA HIS B 72 2.12 -27.25 33.70
C HIS B 72 1.58 -27.12 32.28
N PRO B 73 2.41 -27.41 31.29
CA PRO B 73 2.03 -27.21 29.90
C PRO B 73 1.40 -28.44 29.26
N ILE B 74 0.47 -28.23 28.35
CA ILE B 74 -0.04 -29.30 27.50
C ILE B 74 0.06 -28.85 26.04
N PHE B 75 0.90 -29.54 25.28
CA PHE B 75 1.17 -29.16 23.90
C PHE B 75 0.18 -29.82 22.95
N VAL B 76 -0.55 -29.00 22.21
CA VAL B 76 -1.59 -29.50 21.31
C VAL B 76 -1.12 -29.55 19.87
N PHE B 77 -1.27 -30.73 19.25
CA PHE B 77 -0.88 -30.93 17.86
C PHE B 77 -2.10 -30.95 16.96
N ASP B 78 -1.93 -30.52 15.71
CA ASP B 78 -3.02 -30.51 14.74
C ASP B 78 -3.49 -31.91 14.38
N GLY B 79 -4.74 -32.01 13.97
CA GLY B 79 -5.31 -33.27 13.51
C GLY B 79 -5.74 -33.15 12.07
N PRO B 80 -6.06 -34.30 11.43
CA PRO B 80 -6.38 -34.32 10.00
C PRO B 80 -7.77 -33.77 9.67
N ASN B 81 -8.64 -33.59 10.66
CA ASN B 81 -10.02 -33.20 10.40
C ASN B 81 -10.22 -31.69 10.33
N LYS B 82 -9.41 -31.01 9.52
CA LYS B 82 -9.61 -29.59 9.25
C LYS B 82 -10.32 -29.44 7.91
N PRO B 83 -11.19 -28.42 7.79
CA PRO B 83 -11.94 -28.22 6.55
C PRO B 83 -11.09 -27.63 5.43
N ASN B 95 10.79 -25.68 8.70
CA ASN B 95 11.17 -26.03 10.06
C ASN B 95 12.00 -27.31 10.07
N GLY B 96 11.34 -28.45 9.96
CA GLY B 96 12.03 -29.72 9.88
C GLY B 96 12.01 -30.53 11.15
N VAL B 97 11.41 -29.97 12.21
CA VAL B 97 11.36 -30.69 13.49
C VAL B 97 10.33 -31.82 13.45
N SER B 98 10.80 -33.04 13.66
CA SER B 98 9.94 -34.21 13.67
C SER B 98 8.89 -34.12 14.78
N THR B 99 7.66 -34.50 14.45
CA THR B 99 6.59 -34.55 15.44
C THR B 99 6.91 -35.62 16.48
N ALA B 100 7.42 -36.76 16.02
CA ALA B 100 7.78 -37.85 16.90
C ALA B 100 8.86 -37.43 17.90
N MSE B 101 9.86 -36.69 17.42
CA MSE B 101 10.92 -36.20 18.29
C MSE B 101 10.40 -35.16 19.27
O MSE B 101 10.78 -35.15 20.45
CB MSE B 101 12.07 -35.61 17.46
CG MSE B 101 12.90 -36.63 16.72
SE MSE B 101 14.63 -35.92 16.15
CE MSE B 101 14.01 -34.33 15.19
N ALA B 102 9.52 -34.28 18.79
CA ALA B 102 8.91 -33.28 19.64
C ALA B 102 8.15 -33.93 20.78
N LYS B 103 7.32 -34.92 20.44
CA LYS B 103 6.53 -35.62 21.44
C LYS B 103 7.38 -36.44 22.39
N ARG B 104 8.50 -36.95 21.89
CA ARG B 104 9.43 -37.71 22.73
C ARG B 104 10.06 -36.82 23.79
N LEU B 105 10.49 -35.63 23.38
CA LEU B 105 11.12 -34.68 24.29
C LEU B 105 10.12 -34.18 25.33
N ILE B 106 8.87 -33.98 24.90
CA ILE B 106 7.79 -33.57 25.78
C ILE B 106 7.65 -34.51 26.97
N ARG B 107 7.53 -35.80 26.65
CA ARG B 107 7.36 -36.83 27.67
C ARG B 107 8.59 -36.94 28.56
N LEU B 108 9.77 -36.81 27.96
CA LEU B 108 11.03 -36.86 28.71
C LEU B 108 11.08 -35.75 29.76
N PHE B 109 10.43 -34.64 29.45
CA PHE B 109 10.38 -33.50 30.37
C PHE B 109 9.23 -33.63 31.37
N GLY B 110 8.41 -34.66 31.19
CA GLY B 110 7.28 -34.88 32.08
C GLY B 110 6.10 -33.99 31.73
N PHE B 111 6.12 -33.46 30.51
CA PHE B 111 5.03 -32.62 30.01
C PHE B 111 4.00 -33.47 29.29
N THR B 112 2.93 -32.83 28.82
CA THR B 112 1.83 -33.57 28.19
C THR B 112 1.69 -33.25 26.70
N ALA B 113 1.55 -34.29 25.89
CA ALA B 113 1.28 -34.13 24.46
C ALA B 113 -0.15 -34.50 24.14
N HIS B 114 -0.82 -33.67 23.37
CA HIS B 114 -2.23 -33.84 23.08
C HIS B 114 -2.54 -33.61 21.60
N ASP B 115 -3.31 -34.50 21.01
CA ASP B 115 -3.63 -34.40 19.59
C ASP B 115 -5.07 -33.95 19.37
N ALA B 116 -5.22 -32.75 18.83
CA ALA B 116 -6.53 -32.26 18.42
C ALA B 116 -7.06 -33.13 17.29
N PRO B 117 -8.39 -33.32 17.24
CA PRO B 117 -8.95 -34.05 16.10
C PRO B 117 -8.90 -33.20 14.84
N GLY B 118 -8.93 -31.88 15.02
CA GLY B 118 -8.85 -30.94 13.93
C GLY B 118 -7.79 -29.89 14.16
N GLU B 119 -8.19 -28.62 14.12
CA GLU B 119 -7.25 -27.52 14.32
C GLU B 119 -6.91 -27.35 15.79
N ALA B 120 -5.61 -27.21 16.08
CA ALA B 120 -5.12 -27.16 17.45
C ALA B 120 -5.62 -25.93 18.22
N GLU B 121 -5.70 -24.79 17.54
CA GLU B 121 -6.14 -23.55 18.18
C GLU B 121 -7.59 -23.65 18.67
N ALA B 122 -8.40 -24.42 17.95
CA ALA B 122 -9.78 -24.64 18.36
C ALA B 122 -9.83 -25.56 19.58
N GLU B 123 -8.94 -26.55 19.60
CA GLU B 123 -8.85 -27.48 20.72
C GLU B 123 -8.30 -26.77 21.96
N CYS B 124 -7.34 -25.88 21.74
CA CYS B 124 -6.76 -25.09 22.83
C CYS B 124 -7.81 -24.25 23.52
N ALA B 125 -8.59 -23.52 22.73
CA ALA B 125 -9.66 -22.68 23.25
C ALA B 125 -10.70 -23.52 23.98
N TYR B 126 -11.01 -24.68 23.43
CA TYR B 126 -11.99 -25.59 24.00
C TYR B 126 -11.53 -26.11 25.36
N LEU B 127 -10.25 -26.47 25.45
CA LEU B 127 -9.66 -26.94 26.70
C LEU B 127 -9.78 -25.89 27.80
N GLU B 128 -9.59 -24.63 27.42
CA GLU B 128 -9.72 -23.52 28.36
C GLU B 128 -11.17 -23.34 28.81
N GLN B 129 -12.09 -23.42 27.87
CA GLN B 129 -13.52 -23.29 28.18
C GLN B 129 -13.98 -24.36 29.15
N GLN B 130 -13.39 -25.55 29.05
CA GLN B 130 -13.78 -26.67 29.88
C GLN B 130 -12.98 -26.74 31.19
N GLY B 131 -12.12 -25.74 31.40
CA GLY B 131 -11.37 -25.64 32.64
C GLY B 131 -10.17 -26.55 32.74
N ILE B 132 -9.80 -27.18 31.63
CA ILE B 132 -8.63 -28.04 31.60
C ILE B 132 -7.34 -27.22 31.76
N VAL B 133 -7.30 -26.08 31.08
CA VAL B 133 -6.17 -25.16 31.19
C VAL B 133 -6.66 -23.78 31.57
N ASP B 134 -5.74 -22.95 32.08
CA ASP B 134 -6.11 -21.62 32.56
C ASP B 134 -5.96 -20.56 31.47
N ALA B 135 -5.14 -20.85 30.47
CA ALA B 135 -4.89 -19.90 29.39
C ALA B 135 -4.34 -20.60 28.14
N VAL B 136 -4.32 -19.88 27.03
CA VAL B 136 -3.84 -20.42 25.76
C VAL B 136 -2.69 -19.60 25.19
N LEU B 137 -1.63 -20.29 24.79
CA LEU B 137 -0.52 -19.67 24.08
C LEU B 137 -0.58 -20.07 22.60
N SER B 138 -0.83 -19.11 21.73
CA SER B 138 -1.05 -19.41 20.31
C SER B 138 -0.40 -18.39 19.37
N GLU B 139 -0.50 -18.68 18.08
CA GLU B 139 0.04 -17.79 17.04
C GLU B 139 -0.62 -16.42 17.09
N ASP B 140 -1.95 -16.41 17.20
CA ASP B 140 -2.70 -15.16 17.16
C ASP B 140 -3.91 -15.22 18.08
N VAL B 141 -4.95 -14.46 17.72
CA VAL B 141 -6.15 -14.39 18.55
C VAL B 141 -7.35 -15.06 17.89
N ASP B 142 -7.07 -15.96 16.92
CA ASP B 142 -8.12 -16.78 16.33
C ASP B 142 -8.81 -17.60 17.42
N THR B 143 -8.06 -17.91 18.46
CA THR B 143 -8.54 -18.70 19.59
C THR B 143 -9.76 -18.06 20.26
N ILE B 144 -9.86 -16.74 20.19
CA ILE B 144 -10.99 -16.03 20.77
C ILE B 144 -12.29 -16.40 20.05
N MSE B 145 -12.23 -16.53 18.74
CA MSE B 145 -13.37 -16.95 17.94
C MSE B 145 -13.84 -18.34 18.34
O MSE B 145 -15.03 -18.66 18.26
CB MSE B 145 -13.04 -16.93 16.45
CG MSE B 145 -12.79 -15.55 15.88
SE MSE B 145 -12.48 -15.63 13.95
CE MSE B 145 -12.24 -13.73 13.60
N PHE B 146 -12.89 -19.18 18.77
CA PHE B 146 -13.21 -20.53 19.18
C PHE B 146 -13.53 -20.60 20.67
N GLY B 147 -13.56 -19.44 21.32
CA GLY B 147 -14.06 -19.34 22.68
C GLY B 147 -13.05 -19.08 23.79
N SER B 148 -11.83 -18.70 23.42
CA SER B 148 -10.82 -18.37 24.43
C SER B 148 -11.21 -17.13 25.22
N ARG B 149 -10.81 -17.09 26.48
CA ARG B 149 -11.04 -15.92 27.33
C ARG B 149 -9.72 -15.22 27.58
N VAL B 150 -8.71 -15.99 27.95
CA VAL B 150 -7.36 -15.47 28.12
C VAL B 150 -6.42 -16.11 27.11
N THR B 151 -6.02 -15.35 26.10
CA THR B 151 -5.15 -15.88 25.06
C THR B 151 -3.81 -15.14 25.02
N LEU B 152 -2.75 -15.89 24.76
CA LEU B 152 -1.40 -15.34 24.77
C LEU B 152 -0.69 -15.55 23.44
N ARG B 153 0.17 -14.60 23.07
CA ARG B 153 0.97 -14.70 21.86
C ARG B 153 2.32 -14.03 22.04
N ASP B 154 3.23 -14.30 21.10
CA ASP B 154 4.55 -13.68 21.07
C ASP B 154 5.33 -13.89 22.36
N TRP B 155 5.70 -15.14 22.62
CA TRP B 155 6.57 -15.48 23.74
C TRP B 155 8.01 -15.14 23.38
N SER B 156 8.47 -13.97 23.84
CA SER B 156 9.78 -13.49 23.42
C SER B 156 10.42 -12.51 24.40
N SER B 157 11.59 -12.00 24.01
CA SER B 157 12.35 -11.06 24.85
C SER B 157 11.67 -9.71 24.92
N GLU B 158 12.09 -8.90 25.90
CA GLU B 158 11.49 -7.59 26.12
C GLU B 158 12.54 -6.50 26.21
N GLY B 162 17.84 -8.14 21.58
CA GLY B 162 17.00 -8.84 22.53
C GLY B 162 17.79 -9.72 23.49
N GLY B 163 17.09 -10.65 24.13
CA GLY B 163 17.72 -11.57 25.07
C GLY B 163 16.85 -12.78 25.33
N PRO B 164 16.87 -13.29 26.57
CA PRO B 164 16.03 -14.43 26.95
C PRO B 164 14.54 -14.11 26.83
N PRO B 165 13.75 -15.07 26.32
CA PRO B 165 12.30 -14.89 26.14
C PRO B 165 11.54 -14.91 27.46
N THR B 166 11.26 -13.73 28.00
CA THR B 166 10.66 -13.63 29.33
C THR B 166 9.20 -13.17 29.31
N HIS B 167 8.77 -12.60 28.19
CA HIS B 167 7.44 -11.98 28.15
C HIS B 167 6.50 -12.58 27.10
N VAL B 168 5.22 -12.36 27.31
CA VAL B 168 4.18 -12.73 26.35
C VAL B 168 3.24 -11.54 26.16
N THR B 169 2.40 -11.61 25.14
CA THR B 169 1.40 -10.58 24.92
C THR B 169 0.02 -11.14 25.21
N LEU B 170 -0.63 -10.62 26.26
CA LEU B 170 -1.90 -11.15 26.71
C LEU B 170 -3.08 -10.38 26.11
N HIS B 171 -4.09 -11.14 25.67
CA HIS B 171 -5.35 -10.56 25.25
C HIS B 171 -6.48 -11.13 26.09
N ASP B 172 -7.40 -10.26 26.52
CA ASP B 172 -8.51 -10.68 27.35
C ASP B 172 -9.83 -10.51 26.59
N ALA B 173 -10.51 -11.62 26.33
CA ALA B 173 -11.71 -11.62 25.49
C ALA B 173 -12.84 -10.78 26.08
N LYS B 174 -12.84 -10.64 27.41
CA LYS B 174 -13.90 -9.92 28.10
C LYS B 174 -13.66 -8.42 28.08
N LYS B 175 -12.39 -8.01 28.24
CA LYS B 175 -12.03 -6.60 28.20
C LYS B 175 -12.12 -6.06 26.78
N ILE B 176 -11.87 -6.92 25.79
CA ILE B 176 -11.98 -6.53 24.40
C ILE B 176 -13.45 -6.26 24.04
N ALA B 177 -14.33 -7.13 24.50
CA ALA B 177 -15.76 -7.02 24.21
C ALA B 177 -16.38 -5.78 24.84
N GLU B 178 -15.69 -5.23 25.84
CA GLU B 178 -16.16 -4.05 26.56
C GLU B 178 -15.55 -2.76 26.00
N GLY B 179 -15.44 -2.67 24.67
CA GLY B 179 -15.03 -1.44 24.02
C GLY B 179 -13.55 -1.30 23.77
N PRO B 180 -13.18 -0.44 22.80
CA PRO B 180 -14.11 0.32 21.97
C PRO B 180 -14.62 -0.46 20.76
N SER B 181 -13.93 -1.53 20.39
CA SER B 181 -14.30 -2.31 19.21
C SER B 181 -15.64 -3.02 19.39
N GLY B 182 -15.99 -3.30 20.64
CA GLY B 182 -17.21 -4.02 20.95
C GLY B 182 -17.18 -5.42 20.37
N LEU B 183 -15.98 -5.90 20.07
CA LEU B 183 -15.79 -7.17 19.38
C LEU B 183 -15.78 -8.34 20.36
N ASP B 184 -16.79 -9.19 20.24
CA ASP B 184 -16.82 -10.44 20.99
C ASP B 184 -16.65 -11.61 20.03
N ARG B 185 -16.93 -12.82 20.49
CA ARG B 185 -16.80 -14.01 19.67
C ARG B 185 -17.67 -13.94 18.43
N GLU B 186 -18.94 -13.59 18.62
CA GLU B 186 -19.89 -13.50 17.51
C GLU B 186 -19.53 -12.36 16.57
N GLY B 187 -19.00 -11.28 17.13
CA GLY B 187 -18.59 -10.14 16.33
C GLY B 187 -17.45 -10.49 15.41
N MSE B 188 -16.43 -11.13 15.96
CA MSE B 188 -15.26 -11.52 15.18
C MSE B 188 -15.62 -12.57 14.13
O MSE B 188 -15.05 -12.59 13.04
CB MSE B 188 -14.16 -12.04 16.10
CG MSE B 188 -13.39 -10.93 16.81
SE MSE B 188 -12.08 -11.59 18.10
CE MSE B 188 -10.92 -12.58 16.89
N VAL B 189 -16.58 -13.43 14.46
CA VAL B 189 -17.07 -14.43 13.51
C VAL B 189 -17.65 -13.74 12.27
N LEU B 190 -18.47 -12.72 12.51
CA LEU B 190 -19.04 -11.94 11.42
C LEU B 190 -17.95 -11.24 10.62
N VAL B 191 -16.94 -10.73 11.32
CA VAL B 191 -15.81 -10.07 10.69
C VAL B 191 -15.09 -11.03 9.73
N ALA B 192 -14.76 -12.21 10.23
CA ALA B 192 -14.10 -13.22 9.40
C ALA B 192 -15.03 -13.68 8.27
N LEU B 193 -16.33 -13.72 8.57
CA LEU B 193 -17.32 -14.15 7.60
C LEU B 193 -17.48 -13.13 6.47
N MSE B 194 -17.34 -11.86 6.79
CA MSE B 194 -17.53 -10.79 5.82
C MSE B 194 -16.24 -10.38 5.12
O MSE B 194 -16.20 -10.29 3.90
CB MSE B 194 -18.15 -9.56 6.49
CG MSE B 194 -19.57 -9.75 6.98
SE MSE B 194 -20.32 -8.11 7.72
CE MSE B 194 -20.42 -7.06 6.09
N SER B 195 -15.19 -10.15 5.91
CA SER B 195 -13.92 -9.66 5.36
C SER B 195 -12.83 -10.34 4.55
N GLY B 196 -12.27 -11.41 5.11
CA GLY B 196 -11.24 -12.16 4.42
C GLY B 196 -11.77 -13.55 4.71
N GLY B 197 -12.25 -14.23 3.68
CA GLY B 197 -12.24 -13.70 2.32
C GLY B 197 -11.18 -14.38 1.49
N ASP B 198 -9.93 -14.24 1.91
CA ASP B 198 -8.82 -14.92 1.27
C ASP B 198 -8.58 -16.27 1.94
N TYR B 199 -9.46 -16.60 2.90
CA TYR B 199 -9.36 -17.83 3.65
C TYR B 199 -10.66 -18.62 3.56
N LEU B 200 -11.76 -17.89 3.70
CA LEU B 200 -13.08 -18.51 3.75
C LEU B 200 -13.87 -18.26 2.47
N PRO B 201 -14.64 -19.27 2.03
CA PRO B 201 -15.43 -19.14 0.80
C PRO B 201 -16.63 -18.21 0.99
N ASP B 202 -17.06 -17.58 -0.11
CA ASP B 202 -18.29 -16.80 -0.13
C ASP B 202 -18.23 -15.60 0.80
N GLY B 203 -17.04 -15.00 0.88
CA GLY B 203 -16.86 -13.77 1.61
C GLY B 203 -17.10 -12.59 0.69
N ILE B 204 -17.23 -11.39 1.26
CA ILE B 204 -17.57 -10.20 0.48
C ILE B 204 -16.33 -9.53 -0.10
N PRO B 205 -16.30 -9.36 -1.44
CA PRO B 205 -15.19 -8.82 -2.23
C PRO B 205 -14.60 -7.51 -1.72
N GLY B 206 -15.43 -6.46 -1.59
CA GLY B 206 -14.93 -5.17 -1.18
C GLY B 206 -14.73 -5.02 0.32
N CYS B 207 -14.96 -6.10 1.04
CA CYS B 207 -14.95 -6.07 2.50
C CYS B 207 -13.82 -6.95 3.04
N GLY B 208 -13.07 -6.47 4.04
CA GLY B 208 -13.28 -5.16 4.62
C GLY B 208 -13.48 -5.21 6.13
N ILE B 209 -12.40 -5.05 6.89
CA ILE B 209 -12.50 -5.17 8.35
C ILE B 209 -13.11 -3.94 9.00
N LYS B 210 -12.88 -2.76 8.42
CA LYS B 210 -13.46 -1.53 8.95
C LYS B 210 -14.98 -1.59 8.90
N VAL B 211 -15.51 -1.93 7.73
CA VAL B 211 -16.94 -2.04 7.54
C VAL B 211 -17.52 -3.22 8.32
N ALA B 212 -16.81 -4.34 8.33
CA ALA B 212 -17.26 -5.54 9.04
C ALA B 212 -17.42 -5.28 10.55
N CYS B 213 -16.42 -4.63 11.13
CA CYS B 213 -16.45 -4.30 12.55
C CYS B 213 -17.63 -3.38 12.86
N GLN B 214 -17.97 -2.53 11.89
CA GLN B 214 -19.10 -1.62 12.03
C GLN B 214 -20.42 -2.38 11.93
N ALA B 215 -20.43 -3.46 11.16
CA ALA B 215 -21.60 -4.32 11.06
C ALA B 215 -21.77 -5.12 12.34
N ALA B 216 -20.65 -5.56 12.90
CA ALA B 216 -20.66 -6.32 14.15
C ALA B 216 -21.16 -5.47 15.31
N LYS B 217 -20.64 -4.24 15.39
CA LYS B 217 -21.02 -3.32 16.45
C LYS B 217 -22.50 -2.94 16.36
N ALA B 218 -23.06 -3.05 15.15
CA ALA B 218 -24.47 -2.75 14.93
C ALA B 218 -25.35 -3.93 15.34
N GLY B 219 -24.75 -4.95 15.93
CA GLY B 219 -25.48 -6.07 16.49
C GLY B 219 -25.76 -7.22 15.53
N PHE B 220 -25.28 -7.09 14.29
CA PHE B 220 -25.57 -8.08 13.25
C PHE B 220 -24.97 -9.46 13.53
N GLY B 221 -24.12 -9.55 14.55
CA GLY B 221 -23.43 -10.80 14.86
C GLY B 221 -24.30 -11.90 15.44
N LYS B 222 -25.59 -11.86 15.15
CA LYS B 222 -26.54 -12.90 15.53
C LYS B 222 -27.30 -13.31 14.26
N GLU B 223 -26.97 -14.40 13.55
CA GLU B 223 -26.14 -15.56 13.93
C GLU B 223 -26.86 -16.35 15.03
N LEU B 224 -28.11 -16.68 14.74
CA LEU B 224 -28.95 -17.54 15.56
C LEU B 224 -29.91 -18.32 14.66
N CYS B 225 -29.44 -19.46 14.14
CA CYS B 225 -30.19 -20.24 13.15
C CYS B 225 -31.57 -20.63 13.65
N ALA B 234 -35.23 -19.55 6.14
CA ALA B 234 -35.01 -19.00 7.47
C ALA B 234 -34.10 -17.78 7.44
N ILE B 235 -32.83 -18.01 7.15
CA ILE B 235 -31.77 -16.99 7.20
C ILE B 235 -32.06 -15.74 6.36
N THR B 236 -32.93 -15.91 5.36
CA THR B 236 -33.19 -14.90 4.34
C THR B 236 -33.36 -13.45 4.82
N GLU B 237 -34.09 -13.26 5.91
CA GLU B 237 -34.41 -11.91 6.39
C GLU B 237 -33.17 -11.11 6.78
N TRP B 238 -32.32 -11.70 7.61
CA TRP B 238 -31.12 -11.05 8.12
C TRP B 238 -30.24 -10.45 7.04
N LYS B 239 -30.05 -11.20 5.97
CA LYS B 239 -29.17 -10.80 4.87
C LYS B 239 -29.62 -9.49 4.23
N GLN B 240 -30.92 -9.28 4.13
CA GLN B 240 -31.45 -8.11 3.44
C GLN B 240 -31.54 -6.88 4.34
N ARG B 241 -31.66 -7.10 5.65
CA ARG B 241 -31.56 -5.98 6.60
C ARG B 241 -30.14 -5.43 6.56
N LEU B 242 -29.17 -6.34 6.60
CA LEU B 242 -27.77 -5.99 6.52
C LEU B 242 -27.43 -5.38 5.17
N LEU B 243 -27.99 -5.96 4.10
CA LEU B 243 -27.73 -5.47 2.76
C LEU B 243 -28.36 -4.09 2.55
N HIS B 244 -29.54 -3.89 3.12
CA HIS B 244 -30.22 -2.60 2.99
C HIS B 244 -29.48 -1.50 3.76
N GLU B 245 -28.91 -1.88 4.90
CA GLU B 245 -28.13 -0.93 5.70
C GLU B 245 -26.85 -0.55 4.98
N LEU B 246 -26.23 -1.51 4.30
CA LEU B 246 -25.01 -1.24 3.54
C LEU B 246 -25.27 -0.28 2.39
N ARG B 247 -26.39 -0.49 1.70
CA ARG B 247 -26.73 0.31 0.53
C ARG B 247 -27.13 1.74 0.89
N THR B 248 -27.89 1.90 1.97
CA THR B 248 -28.49 3.19 2.30
C THR B 248 -27.87 3.87 3.52
N ASN B 249 -27.32 3.09 4.43
CA ASN B 249 -26.81 3.59 5.71
C ASN B 249 -27.86 4.40 6.44
N GLU B 250 -29.10 3.90 6.40
CA GLU B 250 -30.24 4.59 7.00
C GLU B 250 -30.08 4.72 8.51
N SER B 251 -29.69 3.64 9.16
CA SER B 251 -29.52 3.64 10.61
C SER B 251 -28.21 4.31 11.01
N GLY B 252 -27.35 4.58 10.03
CA GLY B 252 -26.07 5.19 10.29
C GLY B 252 -25.08 4.21 10.90
N PHE B 253 -25.26 2.94 10.58
CA PHE B 253 -24.38 1.89 11.09
C PHE B 253 -22.97 1.99 10.54
N PHE B 254 -22.81 2.72 9.44
CA PHE B 254 -21.54 2.79 8.74
C PHE B 254 -21.01 4.21 8.59
N ARG B 255 -19.74 4.33 8.25
CA ARG B 255 -19.12 5.61 7.98
C ARG B 255 -19.74 6.24 6.74
N THR B 256 -19.91 5.43 5.70
CA THR B 256 -20.52 5.87 4.45
C THR B 256 -21.47 4.79 3.92
N LYS B 257 -22.15 5.10 2.82
CA LYS B 257 -22.93 4.09 2.11
C LYS B 257 -21.99 3.14 1.39
N HIS B 258 -22.51 2.00 0.92
CA HIS B 258 -21.70 1.00 0.25
C HIS B 258 -22.49 0.25 -0.83
N LYS B 259 -22.83 0.96 -1.91
CA LYS B 259 -23.67 0.39 -2.96
C LYS B 259 -22.89 -0.53 -3.90
N ALA B 260 -21.61 -0.19 -4.10
CA ALA B 260 -20.76 -0.97 -4.99
C ALA B 260 -20.33 -2.29 -4.34
N LEU B 261 -20.57 -2.40 -3.04
CA LEU B 261 -20.25 -3.61 -2.29
C LEU B 261 -21.29 -4.69 -2.50
N GLU B 262 -21.22 -5.39 -3.63
CA GLU B 262 -22.20 -6.45 -3.93
C GLU B 262 -21.83 -7.76 -3.22
N ILE B 263 -22.87 -8.50 -2.85
CA ILE B 263 -22.71 -9.62 -1.92
C ILE B 263 -23.04 -10.98 -2.54
N PRO B 264 -22.08 -11.92 -2.48
CA PRO B 264 -22.17 -13.25 -3.07
C PRO B 264 -23.48 -14.00 -2.76
N GLU B 265 -23.87 -14.90 -3.65
CA GLU B 265 -25.03 -15.74 -3.43
C GLU B 265 -24.73 -16.83 -2.39
N ASN B 266 -23.45 -17.13 -2.22
CA ASN B 266 -23.02 -18.13 -1.24
C ASN B 266 -22.78 -17.54 0.13
N PHE B 267 -23.37 -16.38 0.37
CA PHE B 267 -23.24 -15.65 1.64
C PHE B 267 -24.59 -15.53 2.35
N PRO B 268 -24.61 -15.73 3.68
CA PRO B 268 -23.47 -16.16 4.48
C PRO B 268 -23.24 -17.68 4.42
N ASN B 269 -22.05 -18.08 4.01
CA ASN B 269 -21.70 -19.50 3.95
C ASN B 269 -21.74 -20.09 5.36
N MSE B 270 -22.48 -21.18 5.53
CA MSE B 270 -22.80 -21.69 6.85
C MSE B 270 -22.09 -22.97 7.27
O MSE B 270 -22.13 -23.33 8.44
CB MSE B 270 -24.32 -21.88 6.98
CG MSE B 270 -25.07 -20.56 7.00
SE MSE B 270 -26.60 -20.54 8.19
CE MSE B 270 -26.57 -18.64 8.61
N GLU B 271 -21.44 -23.64 6.32
CA GLU B 271 -20.51 -24.71 6.71
C GLU B 271 -19.27 -24.01 7.24
N VAL B 272 -19.16 -22.72 6.93
CA VAL B 272 -18.18 -21.85 7.54
C VAL B 272 -18.66 -21.34 8.91
N LEU B 273 -19.94 -21.04 9.04
CA LEU B 273 -20.45 -20.40 10.25
C LEU B 273 -20.22 -21.18 11.54
N ARG B 274 -20.53 -22.46 11.50
CA ARG B 274 -20.37 -23.31 12.64
C ARG B 274 -18.94 -23.78 12.77
N TYR B 275 -18.21 -23.78 11.67
CA TYR B 275 -16.80 -24.10 11.78
C TYR B 275 -16.24 -23.27 12.92
N TYR B 276 -16.89 -22.15 13.19
CA TYR B 276 -16.50 -21.28 14.27
C TYR B 276 -17.36 -21.51 15.51
N THR B 277 -18.67 -21.65 15.35
CA THR B 277 -19.51 -21.77 16.55
C THR B 277 -19.52 -23.19 17.10
N HIS B 278 -19.23 -24.17 16.24
CA HIS B 278 -19.11 -25.56 16.66
C HIS B 278 -17.89 -26.23 15.99
N PRO B 279 -16.68 -25.77 16.33
CA PRO B 279 -15.48 -26.31 15.70
C PRO B 279 -15.26 -27.77 16.11
N VAL B 280 -14.77 -28.59 15.18
CA VAL B 280 -14.50 -29.99 15.50
C VAL B 280 -13.41 -30.07 16.57
N VAL B 281 -13.81 -30.51 17.76
CA VAL B 281 -12.88 -30.64 18.88
C VAL B 281 -13.01 -32.02 19.50
N SER B 282 -12.29 -32.24 20.60
CA SER B 282 -12.30 -33.54 21.27
C SER B 282 -13.68 -33.88 21.79
N SER B 283 -13.94 -35.18 21.95
CA SER B 283 -15.21 -35.66 22.47
C SER B 283 -15.35 -35.32 23.94
N PRO B 284 -16.59 -35.29 24.45
CA PRO B 284 -16.83 -35.11 25.88
C PRO B 284 -16.09 -36.15 26.72
N ALA B 285 -15.99 -37.38 26.23
CA ALA B 285 -15.27 -38.44 26.91
C ALA B 285 -13.79 -38.13 27.04
N THR B 286 -13.24 -37.48 26.01
CA THR B 286 -11.84 -37.09 26.02
C THR B 286 -11.58 -35.98 27.03
N ILE B 287 -12.51 -35.03 27.09
CA ILE B 287 -12.42 -33.93 28.06
C ILE B 287 -12.40 -34.45 29.49
N GLU B 288 -13.26 -35.43 29.77
CA GLU B 288 -13.31 -36.03 31.09
C GLU B 288 -12.06 -36.86 31.41
N ARG B 289 -11.47 -37.46 30.39
CA ARG B 289 -10.21 -38.18 30.56
C ARG B 289 -9.12 -37.20 30.99
N LEU B 290 -9.15 -36.02 30.39
CA LEU B 290 -8.13 -35.00 30.65
C LEU B 290 -8.28 -34.39 32.04
N ARG B 291 -9.51 -34.31 32.53
CA ARG B 291 -9.74 -33.79 33.89
C ARG B 291 -9.03 -34.66 34.92
N GLN B 292 -9.05 -35.97 34.70
CA GLN B 292 -8.43 -36.92 35.61
C GLN B 292 -6.92 -37.04 35.41
N GLU B 293 -6.48 -36.98 34.15
CA GLU B 293 -5.11 -37.33 33.80
C GLU B 293 -4.19 -36.11 33.63
N PHE B 294 -4.76 -34.91 33.55
CA PHE B 294 -3.95 -33.72 33.42
C PHE B 294 -4.20 -32.77 34.59
N PRO B 295 -3.13 -32.29 35.25
CA PRO B 295 -1.71 -32.54 34.97
C PRO B 295 -1.24 -33.94 35.39
N PRO B 296 -0.16 -34.44 34.75
CA PRO B 296 0.43 -35.74 35.07
C PRO B 296 1.44 -35.67 36.22
N SER B 297 2.11 -36.78 36.50
CA SER B 297 3.07 -36.87 37.60
C SER B 297 4.23 -35.87 37.45
N SER B 298 4.53 -35.52 36.20
CA SER B 298 5.43 -34.43 35.86
C SER B 298 6.90 -34.67 36.21
N THR B 299 7.29 -35.92 36.45
CA THR B 299 8.67 -36.23 36.80
C THR B 299 9.59 -36.22 35.58
N VAL B 300 10.61 -35.37 35.62
CA VAL B 300 11.59 -35.28 34.54
C VAL B 300 12.46 -36.53 34.47
N ASP B 301 12.50 -37.15 33.30
CA ASP B 301 13.30 -38.36 33.11
C ASP B 301 14.76 -38.00 32.82
N ILE B 302 15.58 -38.04 33.86
CA ILE B 302 16.98 -37.61 33.78
C ILE B 302 17.82 -38.49 32.85
N ALA B 303 17.74 -39.80 33.04
CA ALA B 303 18.49 -40.74 32.21
C ALA B 303 18.02 -40.66 30.76
N GLY B 304 16.73 -40.41 30.59
CA GLY B 304 16.16 -40.26 29.25
C GLY B 304 16.72 -39.04 28.55
N LEU B 305 16.76 -37.92 29.26
CA LEU B 305 17.27 -36.66 28.70
C LEU B 305 18.75 -36.76 28.37
N ARG B 306 19.51 -37.50 29.18
CA ARG B 306 20.92 -37.69 28.92
C ARG B 306 21.13 -38.41 27.60
N GLU B 307 20.31 -39.44 27.36
CA GLU B 307 20.43 -40.22 26.13
C GLU B 307 19.90 -39.44 24.92
N PHE B 308 18.83 -38.69 25.13
CA PHE B 308 18.27 -37.85 24.07
C PHE B 308 19.29 -36.83 23.60
N THR B 309 19.80 -36.04 24.53
CA THR B 309 20.76 -34.98 24.22
C THR B 309 22.04 -35.53 23.58
N ARG B 310 22.42 -36.74 23.98
CA ARG B 310 23.60 -37.38 23.39
C ARG B 310 23.36 -37.71 21.93
N GLU B 311 22.23 -38.35 21.65
CA GLU B 311 21.88 -38.81 20.31
C GLU B 311 21.48 -37.66 19.38
N THR B 312 20.93 -36.59 19.94
CA THR B 312 20.35 -35.53 19.14
C THR B 312 21.24 -34.29 19.03
N PHE B 313 21.88 -33.91 20.14
CA PHE B 313 22.68 -32.69 20.17
C PHE B 313 24.17 -32.98 20.10
N ASP B 314 24.53 -34.26 20.07
CA ASP B 314 25.91 -34.71 20.14
C ASP B 314 26.60 -34.26 21.42
N TRP B 315 25.81 -34.04 22.48
CA TRP B 315 26.37 -33.79 23.81
C TRP B 315 26.93 -35.10 24.35
N THR B 316 28.08 -35.51 23.83
CA THR B 316 28.63 -36.82 24.16
C THR B 316 29.68 -36.76 25.26
N PHE B 317 29.88 -37.90 25.92
CA PHE B 317 30.92 -38.08 26.92
C PHE B 317 30.74 -37.12 28.11
N ARG B 318 31.79 -36.97 28.91
CA ARG B 318 31.73 -36.14 30.11
C ARG B 318 31.35 -34.67 29.85
N PRO B 319 31.92 -34.03 28.80
CA PRO B 319 31.47 -32.66 28.53
C PRO B 319 29.98 -32.54 28.25
N GLY B 320 29.41 -33.52 27.55
CA GLY B 320 28.00 -33.52 27.24
C GLY B 320 27.13 -33.71 28.46
N ALA B 321 27.63 -34.48 29.42
CA ALA B 321 26.91 -34.71 30.66
C ALA B 321 26.87 -33.44 31.51
N ILE B 322 28.01 -32.76 31.58
CA ILE B 322 28.13 -31.52 32.35
C ILE B 322 27.27 -30.41 31.76
N LYS B 323 27.26 -30.31 30.43
CA LYS B 323 26.42 -29.35 29.74
C LYS B 323 24.95 -29.54 30.10
N LEU B 324 24.53 -30.81 30.17
CA LEU B 324 23.16 -31.14 30.53
C LEU B 324 22.84 -30.71 31.95
N ILE B 325 23.73 -31.05 32.88
CA ILE B 325 23.54 -30.73 34.29
C ILE B 325 23.42 -29.23 34.50
N LYS B 326 24.34 -28.47 33.90
CA LYS B 326 24.34 -27.01 33.98
C LYS B 326 23.01 -26.40 33.54
N VAL B 327 22.53 -26.85 32.38
CA VAL B 327 21.32 -26.30 31.79
C VAL B 327 20.06 -26.72 32.55
N LEU B 328 20.06 -27.94 33.07
CA LEU B 328 18.84 -28.54 33.60
C LEU B 328 18.62 -28.31 35.10
N ALA B 329 19.71 -28.13 35.85
CA ALA B 329 19.64 -28.05 37.31
C ALA B 329 18.68 -26.96 37.87
N PRO B 330 18.71 -25.73 37.33
CA PRO B 330 17.81 -24.72 37.90
C PRO B 330 16.33 -25.05 37.76
N GLY B 331 15.90 -25.45 36.57
CA GLY B 331 14.51 -25.77 36.33
C GLY B 331 14.07 -26.98 37.15
N LEU B 332 14.97 -27.94 37.28
CA LEU B 332 14.71 -29.15 38.05
C LEU B 332 14.56 -28.81 39.54
N LEU B 333 15.24 -27.74 39.96
CA LEU B 333 15.14 -27.26 41.33
C LEU B 333 13.74 -26.71 41.60
N VAL B 334 13.25 -25.91 40.66
CA VAL B 334 11.90 -25.35 40.75
C VAL B 334 10.84 -26.44 40.75
N GLN B 335 10.98 -27.37 39.81
CA GLN B 335 10.00 -28.44 39.62
C GLN B 335 9.83 -29.29 40.87
N ARG B 336 10.95 -29.71 41.47
CA ARG B 336 10.89 -30.51 42.70
C ARG B 336 10.41 -29.67 43.87
N CYS B 337 10.69 -28.39 43.82
CA CYS B 337 10.29 -27.45 44.86
C CYS B 337 8.78 -27.34 44.92
N LEU B 338 8.15 -27.31 43.74
CA LEU B 338 6.69 -27.29 43.65
C LEU B 338 6.10 -28.67 43.91
N ASP B 339 6.78 -29.70 43.41
CA ASP B 339 6.25 -31.06 43.47
C ASP B 339 6.21 -31.61 44.89
N ARG B 340 7.13 -31.16 45.73
CA ARG B 340 7.22 -31.71 47.07
C ARG B 340 6.12 -31.11 47.93
N TYR B 341 5.06 -30.68 47.27
CA TYR B 341 3.96 -30.05 47.93
C TYR B 341 2.68 -30.34 47.20
N GLU B 356 14.94 -29.61 57.43
CA GLU B 356 15.23 -31.04 57.44
C GLU B 356 15.92 -31.48 56.16
N GLU B 357 15.60 -30.80 55.06
CA GLU B 357 16.13 -31.20 53.75
C GLU B 357 16.67 -30.01 52.97
N SER B 358 17.97 -29.78 53.10
CA SER B 358 18.67 -28.82 52.26
C SER B 358 19.09 -29.49 50.96
N THR B 359 18.48 -30.65 50.70
CA THR B 359 18.74 -31.45 49.50
C THR B 359 18.37 -30.69 48.23
N LEU B 360 17.71 -29.56 48.39
CA LEU B 360 17.34 -28.70 47.27
C LEU B 360 18.16 -27.42 47.28
N VAL B 361 18.05 -26.66 48.37
CA VAL B 361 18.69 -25.35 48.48
C VAL B 361 19.71 -25.33 49.61
N LYS B 362 20.95 -24.94 49.29
CA LYS B 362 22.01 -24.88 50.28
C LYS B 362 22.00 -23.57 51.06
N GLY B 363 21.45 -22.52 50.46
CA GLY B 363 21.41 -21.22 51.12
C GLY B 363 20.77 -20.10 50.31
N ILE B 364 20.47 -19.01 50.99
CA ILE B 364 19.91 -17.82 50.37
C ILE B 364 20.81 -16.62 50.69
N SER B 365 21.00 -15.73 49.73
CA SER B 365 21.98 -14.66 49.91
C SER B 365 21.50 -13.27 49.48
N MSE B 366 20.33 -13.20 48.85
CA MSE B 366 19.85 -11.92 48.34
C MSE B 366 18.36 -11.95 47.96
O MSE B 366 17.77 -13.01 47.76
CB MSE B 366 20.67 -11.48 47.13
CG MSE B 366 20.77 -9.97 46.94
SE MSE B 366 22.13 -9.49 45.64
CE MSE B 366 23.66 -10.36 46.48
N ARG B 367 17.78 -10.75 47.86
CA ARG B 367 16.39 -10.58 47.41
C ARG B 367 16.32 -9.52 46.32
N ARG B 368 15.43 -9.70 45.36
CA ARG B 368 15.28 -8.71 44.29
C ARG B 368 13.86 -8.69 43.71
N GLU B 369 13.50 -7.57 43.11
CA GLU B 369 12.26 -7.44 42.36
C GLU B 369 12.59 -6.89 40.98
N HIS B 370 13.01 -7.77 40.09
CA HIS B 370 13.56 -7.39 38.79
C HIS B 370 12.46 -7.07 37.78
N PHE B 371 12.76 -6.16 36.85
CA PHE B 371 11.79 -5.71 35.87
C PHE B 371 11.46 -6.80 34.85
N SER B 372 12.39 -7.73 34.66
CA SER B 372 12.19 -8.83 33.71
C SER B 372 11.08 -9.76 34.18
N THR B 373 10.82 -9.76 35.48
CA THR B 373 9.76 -10.57 36.06
C THR B 373 8.59 -9.69 36.48
N ASP B 374 8.59 -8.43 36.01
CA ASP B 374 7.63 -7.42 36.44
C ASP B 374 7.63 -7.31 37.96
N ALA B 375 8.82 -7.15 38.53
CA ALA B 375 9.01 -6.97 39.97
C ALA B 375 8.49 -8.14 40.80
N THR B 376 8.48 -9.34 40.23
CA THR B 376 8.15 -10.53 40.99
C THR B 376 9.29 -10.86 41.94
N PRO B 377 8.99 -10.93 43.24
CA PRO B 377 10.00 -11.18 44.27
C PRO B 377 10.73 -12.52 44.08
N GLU B 378 12.04 -12.44 43.87
CA GLU B 378 12.87 -13.62 43.76
C GLU B 378 13.94 -13.64 44.84
N LEU B 379 14.44 -14.83 45.15
CA LEU B 379 15.52 -14.97 46.13
C LEU B 379 16.72 -15.68 45.50
N ARG B 380 17.91 -15.18 45.83
CA ARG B 380 19.15 -15.74 45.29
C ARG B 380 19.48 -17.07 45.97
N VAL B 381 19.29 -18.17 45.24
CA VAL B 381 19.44 -19.51 45.81
C VAL B 381 20.72 -20.20 45.36
N SER B 382 21.39 -20.86 46.30
CA SER B 382 22.58 -21.66 45.99
C SER B 382 22.26 -23.15 46.05
N PHE B 383 22.83 -23.91 45.13
CA PHE B 383 22.56 -25.34 45.02
C PHE B 383 23.73 -26.09 44.38
N ILE B 384 23.73 -27.41 44.53
CA ILE B 384 24.73 -28.25 43.90
C ILE B 384 24.13 -28.96 42.69
N PRO B 385 24.46 -28.48 41.48
CA PRO B 385 23.88 -28.94 40.21
C PRO B 385 23.91 -30.46 40.02
N ALA B 386 25.10 -31.05 40.08
CA ALA B 386 25.26 -32.48 39.86
C ALA B 386 24.49 -33.31 40.88
N GLU B 387 24.52 -32.87 42.14
CA GLU B 387 23.79 -33.55 43.20
C GLU B 387 22.28 -33.46 42.97
N LEU B 388 21.85 -32.29 42.51
CA LEU B 388 20.43 -32.05 42.25
C LEU B 388 19.92 -32.88 41.08
N VAL B 389 20.63 -32.81 39.96
CA VAL B 389 20.25 -33.54 38.76
C VAL B 389 20.40 -35.05 38.97
N GLY B 390 21.48 -35.45 39.62
CA GLY B 390 21.67 -36.85 39.95
C GLY B 390 22.35 -37.64 38.85
N LEU B 391 23.28 -37.00 38.16
CA LEU B 391 24.16 -37.68 37.21
C LEU B 391 25.60 -37.52 37.63
N ASP B 392 26.39 -38.58 37.50
CA ASP B 392 27.81 -38.50 37.80
C ASP B 392 28.63 -38.48 36.52
N PRO B 393 29.26 -37.32 36.22
CA PRO B 393 30.10 -37.15 35.04
C PRO B 393 31.33 -38.05 35.04
N GLY B 394 31.57 -38.73 36.16
CA GLY B 394 32.69 -39.65 36.26
C GLY B 394 32.43 -40.98 35.57
N GLN B 395 31.15 -41.35 35.47
CA GLN B 395 30.77 -42.58 34.78
C GLN B 395 30.84 -42.40 33.27
N GLU B 396 31.20 -41.19 32.84
CA GLU B 396 31.34 -40.88 31.43
C GLU B 396 32.82 -40.73 31.05
N PRO B 397 33.16 -41.07 29.79
CA PRO B 397 34.55 -40.99 29.32
C PRO B 397 35.07 -39.55 29.28
N GLU B 398 36.26 -39.34 29.82
CA GLU B 398 36.90 -38.02 29.77
C GLU B 398 37.62 -37.83 28.45
N VAL B 399 37.52 -36.62 27.90
CA VAL B 399 38.20 -36.30 26.66
C VAL B 399 39.69 -36.09 26.87
N PRO B 431 36.19 -22.57 34.15
CA PRO B 431 35.55 -23.86 33.87
C PRO B 431 34.33 -24.02 34.75
N PHE B 432 33.55 -25.06 34.54
CA PHE B 432 32.32 -25.26 35.29
C PHE B 432 32.38 -26.55 36.07
N ASP B 433 32.38 -26.45 37.38
CA ASP B 433 32.38 -27.62 38.24
C ASP B 433 30.97 -27.88 38.76
N PRO B 434 30.33 -28.97 38.29
CA PRO B 434 28.96 -29.31 38.66
C PRO B 434 28.82 -29.70 40.13
N TRP B 435 29.93 -29.90 40.82
CA TRP B 435 29.89 -30.31 42.23
C TRP B 435 30.08 -29.12 43.17
N GLN B 436 30.41 -27.96 42.61
CA GLN B 436 30.49 -26.74 43.38
C GLN B 436 29.15 -26.00 43.34
N PRO B 437 28.87 -25.18 44.36
CA PRO B 437 27.62 -24.41 44.41
C PRO B 437 27.40 -23.52 43.19
N ASP B 438 26.19 -23.59 42.64
CA ASP B 438 25.77 -22.68 41.57
C ASP B 438 24.63 -21.81 42.09
N LEU B 439 24.47 -20.63 41.50
CA LEU B 439 23.44 -19.69 41.95
C LEU B 439 22.31 -19.56 40.95
N ALA B 440 21.12 -19.22 41.44
CA ALA B 440 19.95 -19.00 40.60
C ALA B 440 18.90 -18.14 41.29
N TRP B 441 18.22 -17.31 40.50
CA TRP B 441 17.09 -16.54 41.00
C TRP B 441 15.81 -17.35 40.87
N VAL B 442 15.17 -17.61 42.01
CA VAL B 442 13.92 -18.36 42.04
C VAL B 442 12.85 -17.53 42.76
N PRO B 443 11.66 -17.45 42.17
CA PRO B 443 10.52 -16.74 42.76
C PRO B 443 10.30 -17.10 44.24
N GLU B 444 10.19 -16.09 45.09
CA GLU B 444 10.05 -16.27 46.52
C GLU B 444 8.87 -17.16 46.89
N THR B 445 7.76 -16.98 46.16
CA THR B 445 6.55 -17.76 46.39
C THR B 445 6.82 -19.25 46.26
N ILE B 446 7.54 -19.62 45.20
CA ILE B 446 7.88 -21.02 44.96
C ILE B 446 8.77 -21.56 46.09
N LEU B 447 9.68 -20.72 46.55
CA LEU B 447 10.61 -21.12 47.62
C LEU B 447 9.92 -21.34 48.96
N LYS B 448 8.93 -20.50 49.25
CA LYS B 448 8.16 -20.65 50.49
C LYS B 448 7.42 -21.97 50.52
N LEU B 449 7.00 -22.43 49.35
CA LEU B 449 6.22 -23.67 49.23
C LEU B 449 7.09 -24.91 49.41
N GLY B 450 8.30 -24.88 48.84
CA GLY B 450 9.17 -26.05 48.82
C GLY B 450 10.17 -26.12 49.95
N VAL B 451 10.86 -25.01 50.20
CA VAL B 451 11.86 -24.96 51.27
C VAL B 451 11.53 -23.87 52.29
N PRO B 452 10.40 -24.02 53.00
CA PRO B 452 9.87 -22.96 53.86
C PRO B 452 10.80 -22.58 55.01
N VAL B 453 11.44 -23.57 55.63
CA VAL B 453 12.30 -23.32 56.78
C VAL B 453 13.55 -22.53 56.37
N THR B 454 14.09 -22.85 55.20
CA THR B 454 15.26 -22.16 54.67
C THR B 454 14.95 -20.68 54.44
N VAL B 455 13.78 -20.42 53.87
CA VAL B 455 13.35 -19.05 53.59
C VAL B 455 13.17 -18.27 54.89
N GLU B 456 12.67 -18.95 55.93
CA GLU B 456 12.48 -18.31 57.22
C GLU B 456 13.80 -17.92 57.85
N ASP B 457 14.79 -18.82 57.80
CA ASP B 457 16.12 -18.54 58.34
C ASP B 457 16.73 -17.30 57.68
N TRP B 458 16.57 -17.21 56.36
CA TRP B 458 17.03 -16.05 55.62
C TRP B 458 16.31 -14.78 56.08
N GLU B 459 14.98 -14.87 56.17
CA GLU B 459 14.17 -13.76 56.64
C GLU B 459 14.57 -13.33 58.05
N GLU B 460 14.88 -14.31 58.90
CA GLU B 460 15.33 -14.03 60.26
C GLU B 460 16.67 -13.30 60.28
N GLY B 461 17.60 -13.76 59.46
CA GLY B 461 18.91 -13.16 59.38
C GLY B 461 18.86 -11.74 58.88
N GLN B 462 17.90 -11.45 58.01
CA GLN B 462 17.73 -10.11 57.46
C GLN B 462 17.20 -9.12 58.49
N ARG B 463 16.36 -9.61 59.41
CA ARG B 463 15.83 -8.78 60.47
C ARG B 463 16.95 -8.34 61.41
N SER B 464 18.00 -9.14 61.48
CA SER B 464 19.18 -8.81 62.26
C SER B 464 20.15 -7.95 61.46
N GLY D 1 -15.89 17.97 -39.28
CA GLY D 1 -15.07 17.59 -38.14
C GLY D 1 -13.59 17.91 -38.26
N ILE D 2 -12.86 17.31 -39.21
CA ILE D 2 -13.39 16.44 -40.26
C ILE D 2 -14.01 15.14 -39.74
N LYS D 3 -15.27 14.92 -40.11
CA LYS D 3 -16.05 13.80 -39.61
C LYS D 3 -15.55 12.45 -40.14
N GLY D 4 -15.26 11.54 -39.21
CA GLY D 4 -14.79 10.22 -39.57
C GLY D 4 -13.37 10.22 -40.09
N ILE D 5 -12.59 11.23 -39.69
CA ILE D 5 -11.21 11.33 -40.13
C ILE D 5 -10.35 10.26 -39.45
N TYR D 6 -10.75 9.86 -38.25
CA TYR D 6 -9.92 8.98 -37.43
C TYR D 6 -9.99 7.53 -37.89
N LYS D 7 -11.03 7.18 -38.64
CA LYS D 7 -11.10 5.84 -39.20
C LYS D 7 -10.31 5.78 -40.50
N GLU D 8 -9.68 6.90 -40.85
CA GLU D 8 -8.85 6.97 -42.05
C GLU D 8 -7.37 7.11 -41.70
N ILE D 9 -7.08 8.00 -40.76
CA ILE D 9 -5.69 8.28 -40.39
C ILE D 9 -5.27 7.51 -39.14
N GLY D 10 -6.22 6.87 -38.48
CA GLY D 10 -5.95 6.17 -37.24
C GLY D 10 -6.41 7.00 -36.06
N SER D 11 -6.67 6.34 -34.94
CA SER D 11 -7.19 7.02 -33.76
C SER D 11 -6.09 7.76 -33.03
N GLY D 12 -4.84 7.41 -33.32
CA GLY D 12 -3.69 8.05 -32.71
C GLY D 12 -3.05 7.20 -31.62
N GLU D 13 -1.82 7.56 -31.26
CA GLU D 13 -1.11 6.87 -30.19
C GLU D 13 -1.39 7.51 -28.83
N ARG D 14 -1.87 6.69 -27.90
CA ARG D 14 -2.09 7.16 -26.53
C ARG D 14 -0.74 7.12 -25.80
N ILE D 15 -0.33 8.24 -25.24
CA ILE D 15 0.99 8.34 -24.64
C ILE D 15 1.01 9.22 -23.41
N SER D 16 1.84 8.83 -22.44
CA SER D 16 2.00 9.60 -21.20
C SER D 16 2.62 10.95 -21.51
N LEU D 17 1.96 12.01 -21.08
CA LEU D 17 2.46 13.37 -21.28
C LEU D 17 3.81 13.53 -20.58
N CYS D 18 3.97 12.87 -19.44
CA CYS D 18 5.23 12.86 -18.72
C CYS D 18 6.35 12.25 -19.57
N LYS D 19 6.03 11.17 -20.26
CA LYS D 19 7.01 10.49 -21.11
C LYS D 19 7.50 11.41 -22.22
N LEU D 20 6.56 12.10 -22.86
CA LEU D 20 6.89 13.07 -23.91
C LEU D 20 7.84 14.15 -23.38
N ALA D 21 7.48 14.72 -22.23
CA ALA D 21 8.27 15.78 -21.62
C ALA D 21 9.69 15.31 -21.28
N ILE D 22 9.80 14.15 -20.65
CA ILE D 22 11.10 13.64 -20.23
C ILE D 22 11.94 13.13 -21.42
N ASP D 23 11.28 12.49 -22.39
CA ASP D 23 11.97 12.04 -23.60
C ASP D 23 12.56 13.23 -24.36
N HIS D 24 11.77 14.28 -24.52
CA HIS D 24 12.23 15.47 -25.22
C HIS D 24 13.36 16.15 -24.47
N LEU D 25 13.29 16.11 -23.14
CA LEU D 25 14.30 16.74 -22.30
C LEU D 25 15.61 15.98 -22.36
N GLU D 26 15.54 14.67 -22.49
CA GLU D 26 16.74 13.84 -22.59
C GLU D 26 17.40 13.99 -23.97
N GLN D 27 16.57 14.08 -25.01
CA GLN D 27 17.07 14.15 -26.37
C GLN D 27 17.55 15.55 -26.77
N HIS D 28 16.78 16.57 -26.42
CA HIS D 28 17.10 17.93 -26.85
C HIS D 28 17.73 18.79 -25.76
N ASN D 29 17.88 18.22 -24.57
CA ASN D 29 18.53 18.89 -23.44
C ASN D 29 17.88 20.23 -23.08
N ARG D 30 16.57 20.32 -23.22
CA ARG D 30 15.80 21.48 -22.77
C ARG D 30 14.32 21.08 -22.71
N PRO D 31 13.55 21.76 -21.84
CA PRO D 31 12.15 21.36 -21.66
C PRO D 31 11.31 21.43 -22.93
N LEU D 32 10.30 20.57 -23.02
CA LEU D 32 9.35 20.57 -24.13
C LEU D 32 8.61 21.90 -24.18
N ARG D 33 8.43 22.42 -25.39
CA ARG D 33 7.68 23.64 -25.60
C ARG D 33 6.38 23.31 -26.30
N LEU D 34 5.27 23.72 -25.70
CA LEU D 34 3.95 23.28 -26.13
C LEU D 34 3.03 24.46 -26.42
N ALA D 35 2.43 24.46 -27.60
CA ALA D 35 1.39 25.44 -27.93
C ALA D 35 0.04 24.84 -27.57
N ILE D 36 -0.70 25.54 -26.72
CA ILE D 36 -2.00 25.04 -26.28
C ILE D 36 -3.13 25.96 -26.72
N ASP D 37 -3.98 25.45 -27.61
CA ASP D 37 -5.20 26.14 -28.01
C ASP D 37 -6.11 26.27 -26.80
N MET D 38 -6.49 27.50 -26.46
CA MET D 38 -7.32 27.72 -25.28
C MET D 38 -8.75 27.19 -25.44
N ALA D 39 -9.08 26.75 -26.66
CA ALA D 39 -10.42 26.26 -26.95
C ALA D 39 -10.66 24.87 -26.38
N ILE D 40 -9.59 24.19 -25.96
CA ILE D 40 -9.72 22.85 -25.40
C ILE D 40 -10.48 22.87 -24.07
N TRP D 41 -10.40 23.98 -23.36
CA TRP D 41 -10.94 24.06 -22.01
C TRP D 41 -12.46 24.11 -21.95
N GLN D 42 -13.08 24.70 -22.98
CA GLN D 42 -14.51 25.01 -22.99
C GLN D 42 -15.39 23.86 -22.49
N PHE D 43 -15.25 22.68 -23.09
CA PHE D 43 -16.06 21.53 -22.72
C PHE D 43 -15.26 20.49 -21.96
N GLN D 44 -14.52 20.95 -20.95
CA GLN D 44 -13.80 20.07 -20.02
C GLN D 44 -13.94 20.59 -18.59
N ILE D 45 -13.84 21.90 -18.43
CA ILE D 45 -13.79 22.51 -17.10
C ILE D 45 -15.15 22.86 -16.50
N GLN D 46 -16.18 22.95 -17.33
CA GLN D 46 -17.50 23.31 -16.81
C GLN D 46 -18.26 22.08 -16.30
N ALA D 47 -17.52 21.03 -15.96
CA ALA D 47 -18.09 19.85 -15.34
C ALA D 47 -17.75 19.81 -13.86
N ALA D 48 -16.80 20.66 -13.46
CA ALA D 48 -16.43 20.80 -12.06
C ALA D 48 -17.58 21.43 -11.27
N ARG D 49 -17.70 21.07 -10.00
CA ARG D 49 -18.79 21.56 -9.17
C ARG D 49 -18.30 21.98 -7.79
N GLY D 50 -19.16 22.68 -7.05
CA GLY D 50 -18.85 23.10 -5.70
C GLY D 50 -17.83 24.23 -5.63
N GLY D 51 -17.81 24.90 -4.48
CA GLY D 51 -16.83 25.96 -4.25
C GLY D 51 -17.06 27.19 -5.11
N SER D 52 -16.05 28.06 -5.15
CA SER D 52 -16.14 29.29 -5.91
C SER D 52 -15.35 29.18 -7.21
N ASN D 53 -15.99 29.50 -8.32
CA ASN D 53 -15.37 29.45 -9.64
C ASN D 53 -14.68 28.12 -9.94
N PRO D 54 -15.46 27.03 -10.02
CA PRO D 54 -14.86 25.71 -10.19
C PRO D 54 -14.22 25.51 -11.57
N ALA D 55 -14.64 26.28 -12.55
CA ALA D 55 -14.09 26.15 -13.90
C ALA D 55 -12.67 26.71 -14.00
N ILE D 56 -12.44 27.89 -13.42
CA ILE D 56 -11.11 28.48 -13.41
C ILE D 56 -10.25 27.73 -12.40
N ARG D 57 -10.90 27.04 -11.47
CA ARG D 57 -10.20 26.22 -10.48
C ARG D 57 -9.59 25.00 -11.18
N THR D 58 -10.35 24.40 -12.09
CA THR D 58 -9.87 23.25 -12.84
C THR D 58 -8.65 23.66 -13.68
N LEU D 59 -8.71 24.89 -14.21
CA LEU D 59 -7.62 25.44 -15.00
C LEU D 59 -6.37 25.60 -14.14
N PHE D 60 -6.58 25.97 -12.88
CA PHE D 60 -5.50 26.15 -11.92
C PHE D 60 -4.74 24.83 -11.71
N TYR D 61 -5.47 23.75 -11.46
CA TYR D 61 -4.86 22.45 -11.15
C TYR D 61 -4.08 21.89 -12.35
N ARG D 62 -4.59 22.13 -13.56
CA ARG D 62 -3.91 21.66 -14.75
C ARG D 62 -2.65 22.49 -15.02
N PHE D 63 -2.66 23.74 -14.55
CA PHE D 63 -1.46 24.56 -14.60
C PHE D 63 -0.41 24.01 -13.65
N VAL D 64 -0.87 23.54 -12.49
CA VAL D 64 0.02 22.94 -11.51
C VAL D 64 0.60 21.64 -12.05
N ARG D 65 -0.22 20.89 -12.77
CA ARG D 65 0.23 19.66 -13.40
C ARG D 65 1.29 19.95 -14.46
N LEU D 66 1.14 21.08 -15.16
CA LEU D 66 2.12 21.48 -16.17
C LEU D 66 3.47 21.79 -15.54
N LEU D 67 3.46 22.39 -14.34
CA LEU D 67 4.69 22.64 -13.60
C LEU D 67 5.39 21.33 -13.27
N SER D 68 4.61 20.34 -12.84
CA SER D 68 5.15 19.05 -12.44
C SER D 68 5.75 18.29 -13.63
N LEU D 69 5.22 18.55 -14.81
CA LEU D 69 5.70 17.90 -16.02
C LEU D 69 6.93 18.61 -16.57
N GLY D 70 7.18 19.82 -16.10
CA GLY D 70 8.33 20.58 -16.53
C GLY D 70 8.20 21.03 -17.98
N ILE D 71 6.97 21.33 -18.37
CA ILE D 71 6.67 21.77 -19.72
C ILE D 71 6.57 23.29 -19.79
N HIS D 72 7.15 23.88 -20.84
CA HIS D 72 7.05 25.31 -21.08
C HIS D 72 5.91 25.60 -22.05
N PRO D 73 4.75 26.00 -21.52
CA PRO D 73 3.53 26.15 -22.32
C PRO D 73 3.33 27.58 -22.83
N ILE D 74 2.73 27.70 -24.01
CA ILE D 74 2.26 28.98 -24.49
C ILE D 74 0.81 28.83 -24.94
N PHE D 75 -0.09 29.54 -24.27
CA PHE D 75 -1.51 29.42 -24.52
C PHE D 75 -1.95 30.40 -25.59
N VAL D 76 -2.54 29.88 -26.68
CA VAL D 76 -2.95 30.73 -27.78
C VAL D 76 -4.45 31.03 -27.74
N PHE D 77 -4.78 32.32 -27.81
CA PHE D 77 -6.16 32.77 -27.79
C PHE D 77 -6.60 33.19 -29.19
N ASP D 78 -7.90 33.05 -29.47
CA ASP D 78 -8.45 33.44 -30.76
C ASP D 78 -8.41 34.94 -30.98
N GLY D 79 -8.39 35.34 -32.24
CA GLY D 79 -8.45 36.74 -32.62
C GLY D 79 -9.60 36.97 -33.57
N PRO D 80 -9.95 38.25 -33.81
CA PRO D 80 -11.13 38.61 -34.59
C PRO D 80 -11.05 38.29 -36.09
N ASN D 81 -9.86 38.09 -36.64
CA ASN D 81 -9.74 37.94 -38.10
C ASN D 81 -10.08 36.53 -38.59
N LYS D 82 -11.29 36.09 -38.28
CA LYS D 82 -11.78 34.82 -38.78
C LYS D 82 -12.70 35.09 -39.96
N PRO D 83 -12.57 34.30 -41.03
CA PRO D 83 -13.45 34.54 -42.17
C PRO D 83 -14.87 34.00 -41.95
N ASN D 95 -18.08 29.37 -21.88
CA ASN D 95 -18.89 29.09 -20.71
C ASN D 95 -18.08 28.52 -19.56
N GLY D 96 -17.80 29.32 -18.54
CA GLY D 96 -18.14 30.74 -18.54
C GLY D 96 -16.96 31.52 -17.99
N VAL D 97 -15.78 31.15 -18.47
CA VAL D 97 -14.52 31.62 -17.90
C VAL D 97 -13.98 32.87 -18.60
N SER D 98 -13.68 33.88 -17.79
CA SER D 98 -13.14 35.13 -18.29
C SER D 98 -11.78 34.96 -18.95
N THR D 99 -11.59 35.58 -20.10
CA THR D 99 -10.30 35.62 -20.79
C THR D 99 -9.28 36.36 -19.93
N ALA D 100 -9.72 37.46 -19.31
CA ALA D 100 -8.82 38.27 -18.50
C ALA D 100 -8.29 37.49 -17.30
N MSE D 101 -9.16 36.73 -16.64
CA MSE D 101 -8.74 35.93 -15.50
C MSE D 101 -7.85 34.78 -15.93
O MSE D 101 -6.91 34.42 -15.21
CB MSE D 101 -9.95 35.40 -14.73
CG MSE D 101 -10.75 36.47 -14.01
SE MSE D 101 -11.96 35.76 -12.65
CE MSE D 101 -12.97 34.53 -13.77
N ALA D 102 -8.14 34.21 -17.08
CA ALA D 102 -7.31 33.14 -17.62
C ALA D 102 -5.89 33.67 -17.87
N LYS D 103 -5.80 34.82 -18.51
CA LYS D 103 -4.51 35.43 -18.83
C LYS D 103 -3.77 35.86 -17.58
N ARG D 104 -4.53 36.35 -16.60
CA ARG D 104 -3.96 36.75 -15.31
C ARG D 104 -3.29 35.55 -14.63
N LEU D 105 -4.02 34.43 -14.56
CA LEU D 105 -3.53 33.24 -13.91
C LEU D 105 -2.32 32.67 -14.65
N ILE D 106 -2.37 32.74 -15.98
CA ILE D 106 -1.27 32.29 -16.82
C ILE D 106 0.03 32.99 -16.44
N ARG D 107 -0.04 34.31 -16.29
CA ARG D 107 1.13 35.11 -15.93
C ARG D 107 1.61 34.84 -14.51
N LEU D 108 0.67 34.59 -13.60
CA LEU D 108 1.01 34.29 -12.21
C LEU D 108 1.80 32.99 -12.11
N PHE D 109 1.56 32.10 -13.07
CA PHE D 109 2.24 30.82 -13.10
C PHE D 109 3.58 30.90 -13.82
N GLY D 110 3.84 32.04 -14.46
CA GLY D 110 5.08 32.22 -15.19
C GLY D 110 4.97 31.70 -16.60
N PHE D 111 3.75 31.38 -17.02
CA PHE D 111 3.48 30.89 -18.37
C PHE D 111 3.28 32.04 -19.35
N THR D 112 3.04 31.70 -20.61
CA THR D 112 2.94 32.71 -21.66
C THR D 112 1.56 32.73 -22.31
N ALA D 113 0.99 33.92 -22.47
CA ALA D 113 -0.27 34.09 -23.17
C ALA D 113 -0.03 34.76 -24.51
N HIS D 114 -0.61 34.20 -25.55
CA HIS D 114 -0.37 34.68 -26.91
C HIS D 114 -1.67 34.82 -27.67
N ASP D 115 -1.86 35.96 -28.32
CA ASP D 115 -3.09 36.23 -29.07
C ASP D 115 -2.87 36.03 -30.56
N ALA D 116 -3.54 35.02 -31.12
CA ALA D 116 -3.55 34.83 -32.57
C ALA D 116 -4.29 36.00 -33.21
N PRO D 117 -3.87 36.39 -34.43
CA PRO D 117 -4.64 37.42 -35.13
C PRO D 117 -5.95 36.85 -35.66
N GLY D 118 -5.98 35.53 -35.87
CA GLY D 118 -7.17 34.85 -36.32
C GLY D 118 -7.45 33.60 -35.50
N GLU D 119 -7.59 32.47 -36.17
CA GLU D 119 -7.84 31.20 -35.51
C GLU D 119 -6.61 30.67 -34.77
N ALA D 120 -6.80 30.28 -33.52
CA ALA D 120 -5.71 29.82 -32.67
C ALA D 120 -5.03 28.57 -33.22
N GLU D 121 -5.82 27.65 -33.76
CA GLU D 121 -5.29 26.41 -34.36
C GLU D 121 -4.25 26.69 -35.43
N ALA D 122 -4.56 27.64 -36.32
CA ALA D 122 -3.65 28.01 -37.39
C ALA D 122 -2.38 28.63 -36.82
N GLU D 123 -2.54 29.44 -35.78
CA GLU D 123 -1.39 30.08 -35.14
C GLU D 123 -0.53 29.05 -34.42
N CYS D 124 -1.18 28.08 -33.76
CA CYS D 124 -0.47 27.01 -33.07
C CYS D 124 0.39 26.22 -34.05
N ALA D 125 -0.22 25.79 -35.15
CA ALA D 125 0.50 25.04 -36.17
C ALA D 125 1.66 25.86 -36.73
N TYR D 126 1.42 27.15 -36.94
CA TYR D 126 2.43 28.05 -37.48
C TYR D 126 3.63 28.14 -36.54
N LEU D 127 3.35 28.31 -35.25
CA LEU D 127 4.39 28.39 -34.24
C LEU D 127 5.29 27.15 -34.28
N GLU D 128 4.69 25.98 -34.43
CA GLU D 128 5.43 24.74 -34.53
C GLU D 128 6.32 24.68 -35.77
N GLN D 129 5.76 25.06 -36.92
CA GLN D 129 6.53 25.10 -38.17
C GLN D 129 7.74 26.02 -38.05
N GLN D 130 7.60 27.09 -37.29
CA GLN D 130 8.65 28.10 -37.16
C GLN D 130 9.61 27.78 -36.02
N GLY D 131 9.43 26.64 -35.37
CA GLY D 131 10.35 26.19 -34.34
C GLY D 131 10.14 26.82 -32.98
N ILE D 132 9.09 27.63 -32.84
CA ILE D 132 8.80 28.28 -31.57
C ILE D 132 8.36 27.25 -30.51
N VAL D 133 7.55 26.29 -30.93
CA VAL D 133 7.14 25.20 -30.05
C VAL D 133 7.43 23.86 -30.69
N ASP D 134 7.49 22.81 -29.88
CA ASP D 134 7.84 21.49 -30.37
C ASP D 134 6.61 20.68 -30.77
N ALA D 135 5.45 21.05 -30.23
CA ALA D 135 4.21 20.33 -30.51
C ALA D 135 2.98 21.17 -30.21
N VAL D 136 1.83 20.70 -30.70
CA VAL D 136 0.57 21.42 -30.52
C VAL D 136 -0.44 20.58 -29.76
N LEU D 137 -1.06 21.18 -28.75
CA LEU D 137 -2.20 20.58 -28.04
C LEU D 137 -3.47 21.33 -28.42
N SER D 138 -4.41 20.65 -29.07
CA SER D 138 -5.62 21.29 -29.57
C SER D 138 -6.83 20.37 -29.53
N GLU D 139 -8.00 20.92 -29.88
CA GLU D 139 -9.26 20.19 -29.87
C GLU D 139 -9.21 18.96 -30.75
N ASP D 140 -8.75 19.13 -31.98
CA ASP D 140 -8.75 18.05 -32.95
C ASP D 140 -7.46 18.02 -33.76
N VAL D 141 -7.58 17.64 -35.03
CA VAL D 141 -6.42 17.39 -35.86
C VAL D 141 -6.38 18.36 -37.04
N ASP D 142 -7.28 19.34 -37.04
CA ASP D 142 -7.31 20.40 -38.06
C ASP D 142 -5.97 21.10 -38.17
N THR D 143 -5.20 21.08 -37.08
CA THR D 143 -3.89 21.70 -37.03
C THR D 143 -2.96 21.17 -38.13
N ILE D 144 -3.14 19.91 -38.51
CA ILE D 144 -2.33 19.31 -39.56
C ILE D 144 -2.53 20.03 -40.90
N MSE D 145 -3.78 20.43 -41.17
CA MSE D 145 -4.09 21.18 -42.40
C MSE D 145 -3.35 22.51 -42.41
O MSE D 145 -2.99 23.02 -43.48
CB MSE D 145 -5.58 21.40 -42.53
CG MSE D 145 -6.37 20.15 -42.87
SE MSE D 145 -8.27 20.50 -43.14
CE MSE D 145 -8.69 21.23 -41.39
N PHE D 146 -3.16 23.08 -41.22
CA PHE D 146 -2.48 24.36 -41.11
C PHE D 146 -0.97 24.18 -40.97
N GLY D 147 -0.51 22.93 -41.08
CA GLY D 147 0.91 22.66 -41.16
C GLY D 147 1.57 22.04 -39.95
N SER D 148 0.78 21.64 -38.96
CA SER D 148 1.32 20.97 -37.79
C SER D 148 1.91 19.62 -38.16
N ARG D 149 2.91 19.17 -37.43
CA ARG D 149 3.54 17.88 -37.70
C ARG D 149 3.36 16.91 -36.53
N VAL D 150 3.54 17.42 -35.31
CA VAL D 150 3.20 16.66 -34.11
C VAL D 150 2.06 17.35 -33.39
N THR D 151 0.87 16.74 -33.42
CA THR D 151 -0.31 17.35 -32.81
C THR D 151 -0.93 16.44 -31.75
N LEU D 152 -1.38 17.05 -30.66
CA LEU D 152 -1.90 16.31 -29.51
C LEU D 152 -3.34 16.70 -29.20
N ARG D 153 -4.11 15.73 -28.72
CA ARG D 153 -5.50 15.99 -28.35
C ARG D 153 -5.92 15.09 -27.18
N ASP D 154 -7.04 15.44 -26.54
CA ASP D 154 -7.63 14.64 -25.47
C ASP D 154 -6.66 14.41 -24.32
N TRP D 155 -6.26 15.49 -23.66
CA TRP D 155 -5.45 15.42 -22.46
C TRP D 155 -6.34 14.99 -21.30
N SER D 156 -6.29 13.72 -20.95
CA SER D 156 -7.20 13.19 -19.94
C SER D 156 -6.68 11.92 -19.26
N SER D 157 -7.57 11.26 -18.52
CA SER D 157 -7.22 10.08 -17.74
C SER D 157 -7.05 8.84 -18.63
N GLU D 158 -6.33 7.85 -18.12
CA GLU D 158 -6.10 6.62 -18.85
C GLU D 158 -6.55 5.39 -18.06
N GLY D 162 -10.15 5.93 -14.85
CA GLY D 162 -10.80 7.19 -14.52
C GLY D 162 -10.17 7.88 -13.31
N GLY D 163 -9.26 8.81 -13.58
CA GLY D 163 -8.59 9.55 -12.52
C GLY D 163 -7.87 10.78 -13.04
N PRO D 164 -6.65 11.04 -12.52
CA PRO D 164 -5.86 12.20 -12.93
C PRO D 164 -5.51 12.18 -14.42
N PRO D 165 -5.54 13.35 -15.07
CA PRO D 165 -5.27 13.48 -16.50
C PRO D 165 -3.78 13.36 -16.82
N THR D 166 -3.33 12.13 -17.10
CA THR D 166 -1.91 11.86 -17.30
C THR D 166 -1.54 11.68 -18.77
N HIS D 167 -2.51 11.37 -19.62
CA HIS D 167 -2.20 10.98 -20.99
C HIS D 167 -2.74 11.92 -22.06
N VAL D 168 -2.29 11.73 -23.29
CA VAL D 168 -2.75 12.47 -24.45
C VAL D 168 -2.75 11.59 -25.67
N THR D 169 -3.39 12.05 -26.72
CA THR D 169 -3.41 11.29 -27.97
C THR D 169 -2.59 12.01 -29.03
N LEU D 170 -1.53 11.34 -29.50
CA LEU D 170 -0.57 11.94 -30.42
C LEU D 170 -0.85 11.54 -31.86
N HIS D 171 -0.83 12.51 -32.75
CA HIS D 171 -0.91 12.26 -34.18
C HIS D 171 0.32 12.82 -34.87
N ASP D 172 0.90 12.03 -35.77
CA ASP D 172 2.11 12.43 -36.47
C ASP D 172 1.80 12.65 -37.96
N ALA D 173 2.00 13.88 -38.42
CA ALA D 173 1.68 14.24 -39.80
C ALA D 173 2.50 13.43 -40.82
N LYS D 174 3.73 13.10 -40.46
CA LYS D 174 4.60 12.33 -41.35
C LYS D 174 4.09 10.90 -41.51
N LYS D 175 3.83 10.25 -40.39
CA LYS D 175 3.41 8.84 -40.39
C LYS D 175 2.02 8.67 -41.00
N ILE D 176 1.17 9.67 -40.85
CA ILE D 176 -0.16 9.63 -41.45
C ILE D 176 -0.07 9.65 -42.96
N ALA D 177 0.77 10.55 -43.49
CA ALA D 177 0.94 10.70 -44.92
C ALA D 177 1.59 9.47 -45.55
N GLU D 178 2.19 8.63 -44.71
CA GLU D 178 2.86 7.42 -45.17
C GLU D 178 1.95 6.19 -45.04
N GLY D 179 0.71 6.34 -45.46
CA GLY D 179 -0.21 5.21 -45.55
C GLY D 179 -0.93 4.86 -44.27
N PRO D 180 -2.05 4.14 -44.38
CA PRO D 180 -2.62 3.71 -45.66
C PRO D 180 -3.56 4.74 -46.28
N SER D 181 -3.86 5.80 -45.54
CA SER D 181 -4.76 6.84 -46.03
C SER D 181 -4.04 7.73 -47.03
N GLY D 182 -2.74 7.88 -46.85
CA GLY D 182 -1.95 8.76 -47.69
C GLY D 182 -2.31 10.21 -47.54
N LEU D 183 -3.09 10.53 -46.51
CA LEU D 183 -3.51 11.91 -46.27
C LEU D 183 -2.35 12.78 -45.81
N ASP D 184 -1.87 13.64 -46.71
CA ASP D 184 -0.92 14.67 -46.34
C ASP D 184 -1.69 15.97 -46.12
N ARG D 185 -0.99 17.09 -46.05
CA ARG D 185 -1.64 18.37 -45.79
C ARG D 185 -2.61 18.78 -46.89
N GLU D 186 -2.13 18.80 -48.13
CA GLU D 186 -2.97 19.19 -49.27
C GLU D 186 -4.03 18.14 -49.57
N GLY D 187 -3.80 16.92 -49.07
CA GLY D 187 -4.80 15.87 -49.19
C GLY D 187 -6.00 16.20 -48.33
N MSE D 188 -5.75 16.50 -47.05
CA MSE D 188 -6.82 16.87 -46.13
C MSE D 188 -7.51 18.16 -46.53
O MSE D 188 -8.69 18.36 -46.21
CB MSE D 188 -6.27 16.98 -44.70
CG MSE D 188 -6.04 15.64 -44.02
SE MSE D 188 -5.27 15.80 -42.24
CE MSE D 188 -6.62 16.91 -41.38
N VAL D 189 -6.79 19.03 -47.21
CA VAL D 189 -7.37 20.27 -47.73
C VAL D 189 -8.42 19.94 -48.78
N LEU D 190 -8.08 19.02 -49.69
CA LEU D 190 -9.00 18.56 -50.72
C LEU D 190 -10.23 17.92 -50.08
N VAL D 191 -10.00 17.10 -49.05
CA VAL D 191 -11.07 16.46 -48.31
C VAL D 191 -11.99 17.51 -47.70
N ALA D 192 -11.39 18.54 -47.12
CA ALA D 192 -12.13 19.66 -46.55
C ALA D 192 -12.92 20.40 -47.62
N LEU D 193 -12.29 20.61 -48.77
CA LEU D 193 -12.94 21.30 -49.89
C LEU D 193 -14.12 20.51 -50.44
N MET D 194 -13.92 19.21 -50.67
CA MET D 194 -14.95 18.37 -51.29
C MET D 194 -16.06 18.02 -50.31
N SER D 195 -15.71 17.53 -49.15
CA SER D 195 -16.71 17.05 -48.20
C SER D 195 -17.38 18.11 -47.35
N GLY D 196 -17.70 19.26 -47.94
CA GLY D 196 -18.45 20.30 -47.27
C GLY D 196 -17.77 20.84 -46.04
N GLY D 197 -18.41 21.75 -45.31
CA GLY D 197 -19.76 22.23 -45.62
C GLY D 197 -20.78 21.73 -44.63
N ASP D 202 -19.47 25.87 -50.92
CA ASP D 202 -19.11 25.52 -52.28
C ASP D 202 -18.38 24.22 -52.31
N GLY D 203 -18.81 23.32 -51.43
CA GLY D 203 -18.31 21.97 -51.38
C GLY D 203 -19.35 21.13 -52.06
N ILE D 204 -19.01 19.88 -52.33
CA ILE D 204 -19.84 19.03 -53.15
C ILE D 204 -20.85 18.23 -52.36
N PRO D 205 -22.11 18.50 -52.58
CA PRO D 205 -23.13 17.74 -51.85
C PRO D 205 -23.11 16.26 -52.19
N GLY D 206 -23.41 15.41 -51.21
CA GLY D 206 -23.36 13.97 -51.41
C GLY D 206 -21.95 13.46 -51.20
N CYS D 207 -21.05 14.39 -50.90
CA CYS D 207 -19.65 14.09 -50.69
C CYS D 207 -19.22 14.68 -49.34
N GLY D 208 -18.54 13.89 -48.52
CA GLY D 208 -18.18 12.53 -48.86
C GLY D 208 -16.71 12.24 -48.60
N ILE D 209 -16.39 11.87 -47.36
CA ILE D 209 -14.99 11.67 -46.98
C ILE D 209 -14.36 10.43 -47.63
N LYS D 210 -15.16 9.38 -47.81
CA LYS D 210 -14.67 8.18 -48.47
C LYS D 210 -14.23 8.51 -49.89
N VAL D 211 -15.09 9.22 -50.62
CA VAL D 211 -14.80 9.62 -51.98
C VAL D 211 -13.72 10.70 -52.04
N ALA D 212 -13.78 11.64 -51.11
CA ALA D 212 -12.79 12.72 -51.03
C ALA D 212 -11.39 12.16 -50.83
N CYS D 213 -11.27 11.24 -49.87
CA CYS D 213 -10.00 10.59 -49.57
C CYS D 213 -9.48 9.82 -50.79
N GLN D 214 -10.40 9.30 -51.59
CA GLN D 214 -10.03 8.57 -52.80
C GLN D 214 -9.56 9.53 -53.89
N ALA D 215 -10.12 10.74 -53.90
CA ALA D 215 -9.65 11.78 -54.82
C ALA D 215 -8.26 12.24 -54.41
N ALA D 216 -8.00 12.19 -53.11
CA ALA D 216 -6.70 12.57 -52.57
C ALA D 216 -5.62 11.60 -53.02
N LYS D 217 -5.86 10.31 -52.83
CA LYS D 217 -4.89 9.28 -53.21
C LYS D 217 -4.64 9.24 -54.71
N ALA D 218 -5.54 9.84 -55.48
CA ALA D 218 -5.39 9.93 -56.92
C ALA D 218 -4.52 11.13 -57.30
N GLY D 219 -4.04 11.85 -56.30
CA GLY D 219 -3.10 12.94 -56.51
C GLY D 219 -3.73 14.29 -56.82
N PHE D 220 -5.05 14.37 -56.73
CA PHE D 220 -5.77 15.59 -57.08
C PHE D 220 -5.50 16.75 -56.12
N GLY D 221 -4.81 16.47 -55.01
CA GLY D 221 -4.53 17.47 -54.00
C GLY D 221 -3.56 18.58 -54.41
N LYS D 222 -3.33 18.71 -55.70
CA LYS D 222 -2.50 19.79 -56.25
C LYS D 222 -3.16 20.25 -57.56
N GLU D 223 -3.86 21.38 -57.62
CA GLU D 223 -4.01 22.48 -56.64
C GLU D 223 -2.67 23.20 -56.38
N LEU D 224 -2.23 23.93 -57.40
CA LEU D 224 -0.98 24.71 -57.37
C LEU D 224 -1.03 25.90 -58.35
N CYS D 225 -2.16 26.60 -58.43
CA CYS D 225 -2.31 27.66 -59.41
C CYS D 225 -1.52 28.91 -59.00
N ALA D 234 -7.34 29.72 -65.43
CA ALA D 234 -6.22 28.80 -65.21
C ALA D 234 -6.70 27.45 -64.69
N ILE D 235 -7.41 27.49 -63.57
CA ILE D 235 -7.81 26.30 -62.80
C ILE D 235 -8.74 25.29 -63.48
N THR D 236 -9.32 25.67 -64.61
CA THR D 236 -10.44 24.90 -65.20
C THR D 236 -10.11 23.48 -65.67
N GLU D 237 -8.87 23.23 -66.07
CA GLU D 237 -8.48 21.91 -66.55
C GLU D 237 -8.66 20.86 -65.46
N TRP D 238 -8.10 21.14 -64.29
CA TRP D 238 -8.11 20.21 -63.16
C TRP D 238 -9.51 19.78 -62.77
N LYS D 239 -10.42 20.75 -62.66
CA LYS D 239 -11.80 20.48 -62.25
C LYS D 239 -12.48 19.46 -63.14
N GLN D 240 -12.09 19.44 -64.42
CA GLN D 240 -12.74 18.56 -65.40
C GLN D 240 -12.08 17.19 -65.51
N ARG D 241 -11.03 16.95 -64.73
CA ARG D 241 -10.40 15.64 -64.69
C ARG D 241 -11.06 14.75 -63.66
N LEU D 242 -11.14 15.22 -62.41
CA LEU D 242 -11.79 14.42 -61.37
C LEU D 242 -13.28 14.36 -61.64
N LEU D 243 -13.85 15.42 -62.23
CA LEU D 243 -15.25 15.42 -62.60
C LEU D 243 -15.52 14.38 -63.68
N HIS D 244 -14.53 14.13 -64.52
CA HIS D 244 -14.64 13.08 -65.53
C HIS D 244 -14.33 11.73 -64.88
N GLU D 245 -13.44 11.73 -63.91
CA GLU D 245 -13.10 10.53 -63.16
C GLU D 245 -14.23 10.15 -62.22
N LEU D 246 -14.93 11.14 -61.69
CA LEU D 246 -16.04 10.89 -60.77
C LEU D 246 -17.18 10.17 -61.47
N ARG D 247 -17.42 10.53 -62.73
CA ARG D 247 -18.59 10.05 -63.45
C ARG D 247 -18.31 8.85 -64.35
N THR D 248 -17.04 8.54 -64.58
CA THR D 248 -16.68 7.39 -65.40
C THR D 248 -15.84 6.38 -64.65
N ASN D 249 -15.04 6.87 -63.71
CA ASN D 249 -14.07 6.06 -62.97
C ASN D 249 -13.19 5.27 -63.92
N GLU D 250 -12.66 5.97 -64.92
CA GLU D 250 -11.81 5.35 -65.94
C GLU D 250 -10.52 4.80 -65.34
N SER D 251 -9.87 5.61 -64.52
CA SER D 251 -8.60 5.23 -63.92
C SER D 251 -8.80 4.37 -62.67
N GLY D 252 -10.06 4.06 -62.36
CA GLY D 252 -10.39 3.27 -61.19
C GLY D 252 -10.05 3.97 -59.89
N PHE D 253 -10.07 5.30 -59.91
CA PHE D 253 -9.74 6.10 -58.74
C PHE D 253 -10.74 5.91 -57.60
N PHE D 254 -11.96 5.51 -57.94
CA PHE D 254 -13.02 5.40 -56.95
C PHE D 254 -13.56 3.98 -56.83
N ARG D 255 -14.28 3.74 -55.74
CA ARG D 255 -14.95 2.46 -55.52
C ARG D 255 -16.02 2.25 -56.58
N THR D 256 -16.77 3.30 -56.88
CA THR D 256 -17.82 3.27 -57.90
C THR D 256 -17.80 4.54 -58.73
N LYS D 257 -18.72 4.63 -59.70
CA LYS D 257 -18.93 5.85 -60.46
C LYS D 257 -19.78 6.82 -59.63
N HIS D 258 -19.81 8.08 -60.03
CA HIS D 258 -20.57 9.10 -59.30
C HIS D 258 -21.15 10.18 -60.20
N LYS D 259 -22.20 9.82 -60.94
CA LYS D 259 -22.88 10.78 -61.80
C LYS D 259 -23.90 11.56 -60.99
N ALA D 260 -24.26 11.02 -59.83
CA ALA D 260 -25.16 11.70 -58.90
C ALA D 260 -24.56 13.02 -58.45
N LEU D 261 -23.28 13.00 -58.11
CA LEU D 261 -22.57 14.20 -57.67
C LEU D 261 -22.47 15.22 -58.79
N GLU D 262 -23.27 16.27 -58.72
CA GLU D 262 -23.07 17.41 -59.61
C GLU D 262 -22.37 18.51 -58.83
N ILE D 263 -21.48 19.22 -59.51
CA ILE D 263 -20.49 20.06 -58.85
C ILE D 263 -20.77 21.55 -59.05
N PRO D 264 -20.92 22.30 -57.95
CA PRO D 264 -21.20 23.74 -57.93
C PRO D 264 -20.25 24.54 -58.82
N GLU D 265 -20.75 25.64 -59.39
CA GLU D 265 -19.96 26.49 -60.27
C GLU D 265 -18.79 27.12 -59.52
N ASN D 266 -19.02 27.48 -58.26
CA ASN D 266 -18.01 28.14 -57.44
C ASN D 266 -16.87 27.20 -57.08
N PHE D 267 -17.18 25.91 -57.00
CA PHE D 267 -16.17 24.89 -56.70
C PHE D 267 -15.12 24.83 -57.81
N PRO D 268 -13.84 24.72 -57.43
CA PRO D 268 -13.39 24.75 -56.03
C PRO D 268 -13.30 26.17 -55.50
N ASN D 269 -13.80 26.39 -54.30
CA ASN D 269 -13.77 27.75 -53.73
C ASN D 269 -12.34 28.14 -53.37
N MSE D 270 -11.85 29.19 -54.03
CA MSE D 270 -10.45 29.57 -53.91
C MSE D 270 -10.15 30.41 -52.67
O MSE D 270 -9.05 30.34 -52.11
CB MSE D 270 -10.02 30.33 -55.16
CG MSE D 270 -8.64 29.94 -55.69
SE MSE D 270 -8.53 28.04 -56.15
CE MSE D 270 -10.03 27.96 -57.37
N GLU D 271 -11.13 31.19 -52.22
CA GLU D 271 -10.98 31.98 -51.00
C GLU D 271 -10.99 31.05 -49.79
N VAL D 272 -11.49 29.84 -50.01
CA VAL D 272 -11.41 28.79 -49.00
C VAL D 272 -10.06 28.07 -49.08
N LEU D 273 -9.58 27.84 -50.30
CA LEU D 273 -8.34 27.11 -50.49
C LEU D 273 -7.14 27.74 -49.79
N ARG D 274 -7.04 29.07 -49.87
CA ARG D 274 -5.91 29.79 -49.27
C ARG D 274 -6.15 30.12 -47.78
N TYR D 275 -7.40 29.97 -47.32
CA TYR D 275 -7.67 29.93 -45.88
C TYR D 275 -6.90 28.81 -45.23
N TYR D 276 -6.58 27.79 -46.03
CA TYR D 276 -5.81 26.67 -45.53
C TYR D 276 -4.34 26.77 -45.91
N THR D 277 -4.06 27.10 -47.16
CA THR D 277 -2.68 27.14 -47.62
C THR D 277 -1.94 28.37 -47.06
N HIS D 278 -2.67 29.45 -46.83
CA HIS D 278 -2.11 30.68 -46.29
C HIS D 278 -3.03 31.27 -45.21
N PRO D 279 -3.20 30.57 -44.10
CA PRO D 279 -4.09 31.06 -43.05
C PRO D 279 -3.54 32.34 -42.44
N VAL D 280 -4.43 33.26 -42.05
CA VAL D 280 -3.99 34.48 -41.40
C VAL D 280 -3.35 34.14 -40.05
N VAL D 281 -2.05 34.41 -39.94
CA VAL D 281 -1.29 34.14 -38.73
C VAL D 281 -0.43 35.34 -38.38
N SER D 282 0.37 35.21 -37.33
CA SER D 282 1.21 36.32 -36.88
C SER D 282 2.22 36.73 -37.94
N SER D 283 2.65 37.98 -37.86
CA SER D 283 3.64 38.53 -38.77
C SER D 283 5.00 37.91 -38.53
N PRO D 284 5.89 37.96 -39.54
CA PRO D 284 7.28 37.53 -39.36
C PRO D 284 7.95 38.24 -38.18
N ALA D 285 7.65 39.52 -37.99
CA ALA D 285 8.22 40.29 -36.88
C ALA D 285 7.81 39.70 -35.54
N THR D 286 6.55 39.29 -35.44
CA THR D 286 6.04 38.67 -34.21
C THR D 286 6.74 37.34 -33.95
N ILE D 287 6.92 36.54 -35.00
CA ILE D 287 7.63 35.27 -34.89
C ILE D 287 9.04 35.49 -34.35
N GLU D 288 9.72 36.51 -34.85
CA GLU D 288 11.06 36.83 -34.36
C GLU D 288 11.04 37.33 -32.91
N ARG D 289 9.99 38.07 -32.55
CA ARG D 289 9.82 38.51 -31.17
C ARG D 289 9.68 37.31 -30.26
N LEU D 290 8.84 36.36 -30.68
CA LEU D 290 8.61 35.15 -29.89
C LEU D 290 9.86 34.29 -29.80
N ARG D 291 10.65 34.27 -30.86
CA ARG D 291 11.82 33.40 -30.92
C ARG D 291 12.85 33.75 -29.86
N GLN D 292 12.84 35.01 -29.41
CA GLN D 292 13.79 35.46 -28.39
C GLN D 292 13.13 35.70 -27.03
N GLU D 293 11.80 35.81 -27.01
CA GLU D 293 11.09 36.08 -25.76
C GLU D 293 10.44 34.83 -25.16
N PHE D 294 10.28 33.79 -25.96
CA PHE D 294 9.71 32.55 -25.47
C PHE D 294 10.72 31.40 -25.56
N PRO D 295 10.89 30.63 -24.48
CA PRO D 295 10.24 30.71 -23.16
C PRO D 295 10.69 31.91 -22.34
N PRO D 296 9.82 32.42 -21.45
CA PRO D 296 10.10 33.60 -20.63
C PRO D 296 10.83 33.28 -19.32
N SER D 297 11.24 34.32 -18.61
CA SER D 297 11.89 34.20 -17.31
C SER D 297 11.17 33.21 -16.40
N SER D 298 9.84 33.32 -16.38
CA SER D 298 8.97 32.28 -15.84
C SER D 298 9.20 31.91 -14.38
N THR D 299 9.05 32.87 -13.48
CA THR D 299 9.00 32.57 -12.06
C THR D 299 7.55 32.57 -11.58
N VAL D 300 7.15 31.51 -10.89
CA VAL D 300 5.83 31.45 -10.30
C VAL D 300 5.66 32.53 -9.24
N ASP D 301 4.69 33.42 -9.44
CA ASP D 301 4.40 34.50 -8.49
C ASP D 301 3.64 33.95 -7.28
N ILE D 302 4.38 33.63 -6.23
CA ILE D 302 3.80 33.02 -5.03
C ILE D 302 2.79 33.92 -4.33
N ALA D 303 3.19 35.16 -4.05
CA ALA D 303 2.31 36.11 -3.39
C ALA D 303 1.11 36.43 -4.29
N GLY D 304 1.35 36.46 -5.60
CA GLY D 304 0.29 36.68 -6.56
C GLY D 304 -0.75 35.58 -6.51
N LEU D 305 -0.28 34.33 -6.53
CA LEU D 305 -1.16 33.17 -6.47
C LEU D 305 -1.95 33.13 -5.16
N ARG D 306 -1.30 33.53 -4.06
CA ARG D 306 -1.99 33.56 -2.77
C ARG D 306 -3.18 34.49 -2.82
N GLU D 307 -2.97 35.67 -3.41
CA GLU D 307 -4.04 36.66 -3.50
C GLU D 307 -5.10 36.25 -4.51
N PHE D 308 -4.68 35.63 -5.61
CA PHE D 308 -5.61 35.15 -6.62
C PHE D 308 -6.56 34.12 -6.02
N THR D 309 -5.99 33.09 -5.40
CA THR D 309 -6.76 31.99 -4.85
C THR D 309 -7.68 32.44 -3.71
N ARG D 310 -7.26 33.47 -2.98
CA ARG D 310 -8.08 34.04 -1.93
C ARG D 310 -9.31 34.71 -2.52
N GLU D 311 -9.10 35.49 -3.58
CA GLU D 311 -10.17 36.29 -4.16
C GLU D 311 -11.09 35.45 -5.05
N THR D 312 -10.54 34.41 -5.66
CA THR D 312 -11.29 33.65 -6.66
C THR D 312 -11.86 32.33 -6.14
N PHE D 313 -11.12 31.64 -5.29
CA PHE D 313 -11.54 30.33 -4.79
C PHE D 313 -12.04 30.40 -3.35
N ASP D 314 -11.97 31.59 -2.77
CA ASP D 314 -12.28 31.80 -1.35
C ASP D 314 -11.39 30.95 -0.46
N TRP D 315 -10.18 30.67 -0.93
CA TRP D 315 -9.16 30.04 -0.08
C TRP D 315 -8.63 31.09 0.88
N THR D 316 -9.43 31.43 1.88
CA THR D 316 -9.11 32.53 2.77
C THR D 316 -8.47 32.08 4.07
N PHE D 317 -7.72 32.99 4.69
CA PHE D 317 -7.13 32.78 6.01
C PHE D 317 -6.14 31.61 5.98
N ARG D 318 -5.77 31.11 7.15
CA ARG D 318 -4.77 30.06 7.25
C ARG D 318 -5.11 28.76 6.48
N PRO D 319 -6.37 28.28 6.56
CA PRO D 319 -6.67 27.08 5.76
C PRO D 319 -6.44 27.28 4.27
N GLY D 320 -6.82 28.44 3.75
CA GLY D 320 -6.60 28.76 2.34
C GLY D 320 -5.14 28.85 1.98
N ALA D 321 -4.32 29.30 2.92
CA ALA D 321 -2.88 29.37 2.71
C ALA D 321 -2.29 27.97 2.63
N ILE D 322 -2.65 27.15 3.61
CA ILE D 322 -2.18 25.76 3.67
C ILE D 322 -2.60 24.98 2.43
N LYS D 323 -3.84 25.18 2.00
CA LYS D 323 -4.36 24.53 0.80
C LYS D 323 -3.50 24.87 -0.41
N LEU D 324 -3.13 26.13 -0.55
CA LEU D 324 -2.29 26.58 -1.66
C LEU D 324 -0.91 25.94 -1.59
N ILE D 325 -0.32 25.94 -0.39
CA ILE D 325 1.03 25.41 -0.20
C ILE D 325 1.09 23.93 -0.58
N LYS D 326 0.09 23.15 -0.16
CA LYS D 326 0.07 21.72 -0.45
C LYS D 326 0.00 21.43 -1.95
N VAL D 327 -0.92 22.10 -2.63
CA VAL D 327 -1.14 21.87 -4.05
C VAL D 327 0.03 22.33 -4.91
N LEU D 328 0.67 23.42 -4.50
CA LEU D 328 1.68 24.07 -5.33
C LEU D 328 3.10 23.55 -5.10
N ALA D 329 3.36 22.99 -3.92
CA ALA D 329 4.71 22.58 -3.55
C ALA D 329 5.39 21.59 -4.51
N PRO D 330 4.69 20.52 -4.93
CA PRO D 330 5.37 19.58 -5.82
C PRO D 330 5.80 20.17 -7.17
N GLY D 331 4.88 20.83 -7.86
CA GLY D 331 5.18 21.43 -9.15
C GLY D 331 6.27 22.48 -9.04
N LEU D 332 6.20 23.26 -7.97
CA LEU D 332 7.18 24.31 -7.71
C LEU D 332 8.56 23.68 -7.51
N LEU D 333 8.59 22.48 -6.94
CA LEU D 333 9.83 21.75 -6.75
C LEU D 333 10.46 21.37 -8.10
N VAL D 334 9.62 20.91 -9.02
CA VAL D 334 10.10 20.55 -10.35
C VAL D 334 10.67 21.76 -11.07
N GLN D 335 9.93 22.86 -11.04
CA GLN D 335 10.35 24.09 -11.70
C GLN D 335 11.72 24.55 -11.20
N ARG D 336 11.95 24.37 -9.92
CA ARG D 336 13.23 24.70 -9.39
C ARG D 336 14.23 23.71 -9.90
N CYS D 337 13.80 22.49 -10.08
CA CYS D 337 14.70 21.46 -10.51
C CYS D 337 15.21 21.73 -11.88
N LEU D 338 14.32 22.03 -12.80
CA LEU D 338 14.72 22.27 -14.16
C LEU D 338 15.37 23.58 -14.27
N ASP D 339 14.99 24.49 -13.40
CA ASP D 339 15.52 25.83 -13.47
C ASP D 339 16.92 25.90 -12.91
N ARG D 340 17.32 24.86 -12.19
CA ARG D 340 18.69 24.75 -11.73
C ARG D 340 19.58 24.50 -12.91
N TYR D 341 19.07 24.74 -14.11
CA TYR D 341 19.73 24.19 -15.26
C TYR D 341 19.12 24.75 -16.53
N GLU D 356 25.10 21.62 0.44
CA GLU D 356 24.72 22.41 -0.71
C GLU D 356 23.20 22.68 -0.63
N GLU D 357 22.56 22.95 -1.76
CA GLU D 357 21.12 23.19 -1.78
C GLU D 357 20.31 21.94 -1.46
N SER D 358 20.04 21.74 -0.17
CA SER D 358 19.07 20.76 0.26
C SER D 358 17.73 21.48 0.40
N THR D 359 17.74 22.74 -0.03
CA THR D 359 16.56 23.60 0.05
C THR D 359 15.46 23.15 -0.91
N LEU D 360 15.72 22.06 -1.63
CA LEU D 360 14.74 21.48 -2.55
C LEU D 360 14.33 20.09 -2.09
N VAL D 361 15.33 19.22 -1.92
CA VAL D 361 15.08 17.83 -1.57
C VAL D 361 15.78 17.43 -0.28
N LYS D 362 15.02 16.85 0.65
CA LYS D 362 15.59 16.41 1.92
C LYS D 362 16.11 14.98 1.83
N GLY D 363 15.58 14.21 0.89
CA GLY D 363 16.01 12.83 0.73
C GLY D 363 15.26 12.06 -0.34
N ILE D 364 15.77 10.88 -0.68
CA ILE D 364 15.16 9.99 -1.66
C ILE D 364 14.90 8.64 -1.01
N SER D 365 13.76 8.02 -1.34
CA SER D 365 13.30 6.85 -0.60
C SER D 365 13.16 5.60 -1.46
N MSE D 366 12.97 5.79 -2.77
CA MSE D 366 12.56 4.68 -3.64
C MSE D 366 12.68 5.01 -5.12
O MSE D 366 12.84 6.17 -5.50
CB MSE D 366 11.13 4.29 -3.32
CG MSE D 366 10.83 2.81 -3.40
SE MSE D 366 8.98 2.53 -2.85
CE MSE D 366 8.93 3.87 -1.45
N ARG D 367 12.58 3.98 -5.94
CA ARG D 367 12.57 4.12 -7.40
C ARG D 367 11.38 3.34 -7.97
N ARG D 368 10.81 3.83 -9.06
CA ARG D 368 9.71 3.14 -9.72
C ARG D 368 9.60 3.47 -11.20
N GLU D 369 8.99 2.57 -11.95
CA GLU D 369 8.68 2.80 -13.36
C GLU D 369 7.19 2.53 -13.58
N HIS D 370 6.37 3.51 -13.27
CA HIS D 370 4.92 3.34 -13.23
C HIS D 370 4.30 3.39 -14.62
N PHE D 371 3.21 2.67 -14.81
CA PHE D 371 2.54 2.61 -16.11
C PHE D 371 1.88 3.93 -16.49
N SER D 372 1.58 4.75 -15.47
CA SER D 372 0.92 6.03 -15.72
C SER D 372 1.85 7.02 -16.40
N THR D 373 3.15 6.76 -16.29
CA THR D 373 4.18 7.58 -16.92
C THR D 373 4.81 6.85 -18.09
N ASP D 374 4.19 5.73 -18.49
CA ASP D 374 4.76 4.82 -19.48
C ASP D 374 6.16 4.40 -19.06
N ALA D 375 6.28 3.94 -17.82
CA ALA D 375 7.52 3.46 -17.25
C ALA D 375 8.66 4.48 -17.27
N THR D 376 8.30 5.76 -17.12
CA THR D 376 9.29 6.81 -16.94
C THR D 376 9.87 6.74 -15.52
N PRO D 377 11.19 6.57 -15.40
CA PRO D 377 11.86 6.41 -14.11
C PRO D 377 11.61 7.59 -13.16
N GLU D 378 11.04 7.29 -12.01
CA GLU D 378 10.75 8.31 -11.01
C GLU D 378 11.41 7.97 -9.68
N LEU D 379 11.72 8.99 -8.90
CA LEU D 379 12.29 8.78 -7.58
C LEU D 379 11.41 9.43 -6.51
N ARG D 380 11.27 8.75 -5.38
CA ARG D 380 10.44 9.23 -4.28
C ARG D 380 11.19 10.26 -3.43
N VAL D 381 10.90 11.53 -3.65
CA VAL D 381 11.59 12.61 -2.93
C VAL D 381 10.81 13.16 -1.76
N SER D 382 11.54 13.58 -0.72
CA SER D 382 10.93 14.23 0.43
C SER D 382 11.32 15.71 0.47
N PHE D 383 10.37 16.55 0.85
CA PHE D 383 10.57 18.00 0.85
C PHE D 383 9.68 18.64 1.91
N ILE D 384 9.97 19.89 2.24
CA ILE D 384 9.12 20.63 3.17
C ILE D 384 8.33 21.70 2.41
N PRO D 385 7.04 21.45 2.23
CA PRO D 385 6.12 22.27 1.41
C PRO D 385 6.18 23.76 1.73
N ALA D 386 5.92 24.12 2.99
CA ALA D 386 5.91 25.52 3.41
C ALA D 386 7.26 26.19 3.15
N GLU D 387 8.34 25.52 3.52
CA GLU D 387 9.69 26.03 3.30
C GLU D 387 9.96 26.23 1.82
N LEU D 388 9.46 25.32 1.00
CA LEU D 388 9.70 25.37 -0.44
C LEU D 388 8.87 26.47 -1.11
N VAL D 389 7.59 26.51 -0.79
CA VAL D 389 6.69 27.51 -1.38
C VAL D 389 7.04 28.90 -0.86
N GLY D 390 7.42 28.98 0.41
CA GLY D 390 7.86 30.24 0.98
C GLY D 390 6.72 31.15 1.40
N LEU D 391 5.78 30.58 2.14
CA LEU D 391 4.72 31.33 2.80
C LEU D 391 4.48 30.74 4.19
N ASP D 392 4.34 31.59 5.20
CA ASP D 392 4.05 31.10 6.55
C ASP D 392 2.58 31.32 6.89
N PRO D 393 1.83 30.22 7.07
CA PRO D 393 0.42 30.21 7.46
C PRO D 393 0.16 30.90 8.81
N GLY D 394 1.23 31.30 9.49
CA GLY D 394 1.12 31.99 10.75
C GLY D 394 0.78 33.46 10.61
N GLN D 395 1.15 34.05 9.46
CA GLN D 395 0.81 35.44 9.17
C GLN D 395 -0.65 35.55 8.74
N GLU D 396 -1.30 34.40 8.61
CA GLU D 396 -2.72 34.36 8.26
C GLU D 396 -3.56 34.17 9.53
N PRO D 397 -4.74 34.78 9.56
CA PRO D 397 -5.64 34.67 10.71
C PRO D 397 -6.25 33.28 10.82
N GLU D 398 -5.80 32.51 11.81
CA GLU D 398 -6.31 31.16 12.03
C GLU D 398 -7.79 31.18 12.38
N VAL D 399 -8.50 30.12 12.01
CA VAL D 399 -9.93 30.01 12.28
C VAL D 399 -10.18 29.36 13.64
N PRO D 431 -4.64 15.61 9.40
CA PRO D 431 -4.27 17.02 9.52
C PRO D 431 -2.92 17.32 8.85
N PHE D 432 -2.95 18.10 7.77
CA PHE D 432 -1.77 18.36 6.97
C PHE D 432 -0.89 19.48 7.54
N ASP D 433 0.32 19.12 7.94
CA ASP D 433 1.28 20.10 8.44
C ASP D 433 2.30 20.43 7.34
N PRO D 434 2.26 21.66 6.84
CA PRO D 434 3.15 22.11 5.75
C PRO D 434 4.62 22.21 6.17
N TRP D 435 4.89 22.09 7.46
CA TRP D 435 6.26 22.18 7.96
C TRP D 435 6.90 20.81 8.15
N GLN D 436 6.07 19.78 8.07
CA GLN D 436 6.55 18.39 8.10
C GLN D 436 6.87 17.93 6.68
N PRO D 437 7.79 16.96 6.54
CA PRO D 437 8.13 16.40 5.22
C PRO D 437 6.93 15.84 4.46
N ASP D 438 6.88 16.12 3.16
CA ASP D 438 5.89 15.53 2.27
C ASP D 438 6.60 14.76 1.16
N LEU D 439 5.92 13.80 0.54
CA LEU D 439 6.55 12.95 -0.47
C LEU D 439 5.93 13.15 -1.86
N ALA D 440 6.78 13.10 -2.88
CA ALA D 440 6.31 13.23 -4.26
C ALA D 440 7.16 12.40 -5.21
N TRP D 441 6.54 11.85 -6.24
CA TRP D 441 7.27 11.18 -7.31
C TRP D 441 7.73 12.20 -8.34
N VAL D 442 9.04 12.27 -8.56
CA VAL D 442 9.59 13.18 -9.56
C VAL D 442 10.48 12.41 -10.52
N PRO D 443 10.32 12.65 -11.84
CA PRO D 443 11.13 12.00 -12.87
C PRO D 443 12.62 12.07 -12.57
N GLU D 444 13.29 10.93 -12.59
CA GLU D 444 14.71 10.82 -12.29
C GLU D 444 15.55 11.79 -13.11
N THR D 445 15.22 11.93 -14.38
CA THR D 445 15.96 12.83 -15.27
C THR D 445 15.97 14.25 -14.72
N ILE D 446 14.80 14.74 -14.32
CA ILE D 446 14.68 16.08 -13.77
C ILE D 446 15.51 16.22 -12.50
N LEU D 447 15.51 15.17 -11.67
CA LEU D 447 16.25 15.18 -10.42
C LEU D 447 17.77 15.20 -10.64
N LYS D 448 18.23 14.50 -11.66
CA LYS D 448 19.65 14.48 -11.97
C LYS D 448 20.13 15.86 -12.40
N LEU D 449 19.24 16.60 -13.05
CA LEU D 449 19.56 17.93 -13.55
C LEU D 449 19.60 18.98 -12.43
N GLY D 450 18.69 18.85 -11.47
CA GLY D 450 18.52 19.86 -10.44
C GLY D 450 19.24 19.59 -9.13
N VAL D 451 19.21 18.33 -8.68
CA VAL D 451 19.85 17.96 -7.43
C VAL D 451 20.73 16.72 -7.59
N PRO D 452 21.76 16.82 -8.46
CA PRO D 452 22.56 15.65 -8.85
C PRO D 452 23.28 14.96 -7.70
N VAL D 453 23.80 15.72 -6.74
CA VAL D 453 24.56 15.15 -5.64
C VAL D 453 23.66 14.27 -4.77
N THR D 454 22.43 14.70 -4.56
CA THR D 454 21.47 13.93 -3.77
C THR D 454 21.15 12.60 -4.44
N VAL D 455 20.94 12.63 -5.75
CA VAL D 455 20.64 11.45 -6.53
C VAL D 455 21.79 10.44 -6.49
N GLU D 456 23.02 10.95 -6.49
CA GLU D 456 24.20 10.08 -6.45
C GLU D 456 24.33 9.40 -5.09
N ASP D 457 24.03 10.12 -4.03
CA ASP D 457 24.07 9.54 -2.68
C ASP D 457 23.07 8.40 -2.56
N TRP D 458 21.90 8.60 -3.16
CA TRP D 458 20.86 7.57 -3.17
C TRP D 458 21.28 6.36 -4.01
N GLU D 459 21.88 6.63 -5.16
CA GLU D 459 22.34 5.56 -6.06
C GLU D 459 23.37 4.64 -5.40
N GLU D 460 24.28 5.23 -4.63
CA GLU D 460 25.38 4.46 -4.06
C GLU D 460 24.99 3.74 -2.79
N GLY D 461 24.03 4.29 -2.05
CA GLY D 461 23.51 3.63 -0.87
C GLY D 461 22.69 2.43 -1.30
N GLN D 462 22.17 2.51 -2.53
CA GLN D 462 21.36 1.42 -3.09
C GLN D 462 22.21 0.19 -3.36
N ARG D 463 23.23 0.35 -4.19
CA ARG D 463 24.13 -0.75 -4.53
C ARG D 463 24.88 -1.26 -3.31
N SER D 464 24.24 -1.17 -2.14
CA SER D 464 24.84 -1.63 -0.91
C SER D 464 23.93 -2.61 -0.17
MG MG F . -4.21 -18.31 13.63
MG MG G . -11.29 22.77 -35.48
#